data_5YTA
#
_entry.id   5YTA
#
_cell.length_a   130.788
_cell.length_b   130.788
_cell.length_c   111.909
_cell.angle_alpha   90.000
_cell.angle_beta   90.000
_cell.angle_gamma   120.000
#
_symmetry.space_group_name_H-M   'P 32 2 1'
#
loop_
_entity.id
_entity.type
_entity.pdbx_description
1 polymer 'L-lactate dehydrogenase B chain'
2 non-polymer NICOTINAMIDE-ADENINE-DINUCLEOTIDE
3 non-polymer 'OXAMIC ACID'
4 water water
#
_entity_poly.entity_id   1
_entity_poly.type   'polypeptide(L)'
_entity_poly.pdbx_seq_one_letter_code
;ATLKEKLIAPVAEEETTIPNNKITVVGVGQVGMACAISILGKSLTDELALVDVLEDKLKGEMMDLQHGSLFLQTPKIVAD
KDYSVTANSKIVVVTAGVRQQEGESRLNLVQRNVNVFKFIIPQIVKYSPDCIIIVVSNPVDILTYVTWKLSGLPKHRVIG
SGCNLDSARFRYLMAEKLGVHPSSCHGWILGEHGDSSVAVWSGVNVAGVSLQELNPEMGTDNDSENWKEVHKMVVESAYE
VIKLKGYTNWAIGLSVADLIESMLKNLSRIHPVSTMVQGMYGIENEVFLSLPCVLNARGLTSVINQKLKDDEVAQLKNSA
DTLWGIQKDLKD
;
_entity_poly.pdbx_strand_id   A,B
#
loop_
_chem_comp.id
_chem_comp.type
_chem_comp.name
_chem_comp.formula
NAD non-polymer NICOTINAMIDE-ADENINE-DINUCLEOTIDE 'C21 H27 N7 O14 P2'
OXM non-polymer 'OXAMIC ACID' 'C2 H3 N O3'
#
# COMPACT_ATOMS: atom_id res chain seq x y z
N ALA A 1 -26.77 21.13 24.33
CA ALA A 1 -25.85 19.95 24.41
C ALA A 1 -25.44 19.50 23.00
N THR A 2 -24.25 18.90 22.90
CA THR A 2 -23.77 18.30 21.65
C THR A 2 -24.74 17.20 21.22
N LEU A 3 -24.83 16.97 19.92
CA LEU A 3 -25.57 15.78 19.49
C LEU A 3 -24.84 14.53 20.01
N LYS A 4 -23.51 14.62 20.14
CA LYS A 4 -22.75 13.60 20.85
C LYS A 4 -23.33 13.33 22.23
N GLU A 5 -23.60 14.39 23.00
CA GLU A 5 -24.21 14.25 24.32
C GLU A 5 -25.61 13.66 24.26
N LYS A 6 -26.37 14.03 23.25
CA LYS A 6 -27.71 13.52 23.07
C LYS A 6 -27.74 12.04 22.63
N LEU A 7 -26.75 11.63 21.84
CA LEU A 7 -26.75 10.31 21.20
C LEU A 7 -26.04 9.21 21.99
N ILE A 8 -24.97 9.58 22.68
CA ILE A 8 -24.06 8.61 23.29
C ILE A 8 -24.12 8.69 24.81
N ALA A 9 -24.76 7.72 25.45
CA ALA A 9 -24.81 7.68 26.91
C ALA A 9 -23.65 6.88 27.51
N PRO A 10 -22.77 7.54 28.29
CA PRO A 10 -21.59 6.85 28.84
C PRO A 10 -22.00 5.76 29.82
N VAL A 11 -21.26 4.66 29.82
CA VAL A 11 -21.50 3.54 30.71
C VAL A 11 -20.27 3.45 31.58
N ALA A 12 -19.14 3.84 31.00
CA ALA A 12 -17.88 3.90 31.71
C ALA A 12 -17.51 5.36 31.85
N GLU A 13 -16.89 5.69 32.96
CA GLU A 13 -16.33 7.02 33.15
C GLU A 13 -15.20 7.29 32.15
N GLU A 14 -15.14 8.53 31.68
CA GLU A 14 -14.02 9.02 30.88
C GLU A 14 -12.70 8.58 31.49
N GLU A 15 -11.77 8.26 30.62
CA GLU A 15 -10.46 7.81 31.04
C GLU A 15 -9.53 8.04 29.88
N THR A 16 -8.33 8.52 30.17
CA THR A 16 -7.33 8.65 29.13
C THR A 16 -6.77 7.26 28.90
N THR A 17 -6.67 6.89 27.64
CA THR A 17 -6.34 5.51 27.34
C THR A 17 -5.01 5.32 26.61
N ILE A 18 -4.37 4.20 26.90
CA ILE A 18 -3.03 3.91 26.45
C ILE A 18 -3.15 2.82 25.38
N PRO A 19 -2.59 3.06 24.18
CA PRO A 19 -2.69 2.08 23.11
C PRO A 19 -2.02 0.76 23.48
N ASN A 20 -2.60 -0.32 22.98
CA ASN A 20 -2.12 -1.66 23.20
C ASN A 20 -0.93 -2.05 22.29
N ASN A 21 -1.03 -1.78 20.98
CA ASN A 21 0.00 -2.17 19.99
C ASN A 21 0.34 -1.01 19.05
N LYS A 22 0.72 0.10 19.63
CA LYS A 22 1.05 1.29 18.87
C LYS A 22 2.33 1.12 18.06
N ILE A 23 2.30 1.62 16.82
CA ILE A 23 3.46 1.64 15.96
C ILE A 23 3.75 3.07 15.48
N THR A 24 4.99 3.52 15.61
CA THR A 24 5.40 4.78 14.99
C THR A 24 6.21 4.50 13.73
N VAL A 25 5.93 5.24 12.65
CA VAL A 25 6.82 5.20 11.52
C VAL A 25 7.48 6.58 11.41
N VAL A 26 8.81 6.60 11.46
CA VAL A 26 9.56 7.85 11.30
C VAL A 26 10.05 7.97 9.85
N GLY A 27 9.63 9.04 9.19
CA GLY A 27 9.87 9.25 7.78
C GLY A 27 8.63 8.83 7.01
N VAL A 28 8.01 9.80 6.33
CA VAL A 28 6.83 9.54 5.46
C VAL A 28 7.13 9.64 3.97
N GLY A 29 8.30 9.12 3.58
CA GLY A 29 8.68 9.11 2.17
C GLY A 29 8.13 7.87 1.52
N GLN A 30 8.73 7.49 0.39
CA GLN A 30 8.30 6.29 -0.32
C GLN A 30 8.25 5.07 0.59
N VAL A 31 9.32 4.86 1.38
CA VAL A 31 9.45 3.66 2.20
C VAL A 31 8.52 3.73 3.42
N GLY A 32 8.55 4.86 4.10
CA GLY A 32 7.69 5.08 5.25
C GLY A 32 6.23 4.83 4.94
N MET A 33 5.74 5.40 3.84
CA MET A 33 4.33 5.25 3.51
C MET A 33 3.98 3.82 3.11
N ALA A 34 4.88 3.16 2.36
CA ALA A 34 4.66 1.76 2.01
C ALA A 34 4.62 0.87 3.26
N CYS A 35 5.53 1.10 4.24
CA CYS A 35 5.41 0.40 5.52
C CYS A 35 4.05 0.71 6.18
N ALA A 36 3.68 2.00 6.25
CA ALA A 36 2.40 2.40 6.83
C ALA A 36 1.18 1.69 6.23
N ILE A 37 1.05 1.72 4.90
CA ILE A 37 -0.07 1.07 4.22
C ILE A 37 -0.11 -0.47 4.45
N SER A 38 1.05 -1.12 4.52
CA SER A 38 1.15 -2.58 4.72
C SER A 38 0.76 -2.91 6.15
N ILE A 39 1.23 -2.09 7.10
CA ILE A 39 0.88 -2.27 8.50
C ILE A 39 -0.65 -2.11 8.71
N LEU A 40 -1.20 -1.03 8.16
CA LEU A 40 -2.64 -0.77 8.25
C LEU A 40 -3.41 -1.88 7.57
N GLY A 41 -2.95 -2.29 6.39
CA GLY A 41 -3.67 -3.29 5.59
C GLY A 41 -3.78 -4.62 6.33
N LYS A 42 -2.78 -4.92 7.17
CA LYS A 42 -2.77 -6.15 7.95
C LYS A 42 -3.41 -6.00 9.33
N SER A 43 -4.00 -4.84 9.60
CA SER A 43 -4.58 -4.55 10.91
C SER A 43 -3.61 -4.84 12.06
N LEU A 44 -2.37 -4.38 11.95
CA LEU A 44 -1.33 -4.70 12.94
C LEU A 44 -1.27 -3.70 14.12
N THR A 45 -2.02 -2.61 14.03
CA THR A 45 -1.91 -1.59 15.06
C THR A 45 -3.23 -0.89 15.40
N ASP A 46 -3.41 -0.57 16.67
CA ASP A 46 -4.51 0.27 17.10
C ASP A 46 -4.19 1.75 17.12
N GLU A 47 -2.94 2.12 16.90
CA GLU A 47 -2.60 3.54 16.83
C GLU A 47 -1.34 3.72 16.02
N LEU A 48 -1.45 4.42 14.91
CA LEU A 48 -0.32 4.64 14.08
C LEU A 48 0.10 6.10 14.27
N ALA A 49 1.38 6.28 14.60
CA ALA A 49 1.95 7.63 14.70
C ALA A 49 2.96 7.82 13.59
N LEU A 50 2.94 8.98 12.96
CA LEU A 50 3.90 9.29 11.90
C LEU A 50 4.73 10.51 12.26
N VAL A 51 6.02 10.50 11.92
CA VAL A 51 6.91 11.65 12.21
C VAL A 51 7.76 11.94 10.99
N ASP A 52 7.94 13.22 10.70
CA ASP A 52 8.83 13.65 9.62
C ASP A 52 9.23 15.08 9.93
N VAL A 53 10.23 15.60 9.23
CA VAL A 53 10.57 17.02 9.36
C VAL A 53 9.75 17.87 8.40
N LEU A 54 9.14 17.24 7.38
CA LEU A 54 8.34 18.00 6.41
C LEU A 54 6.91 18.05 6.87
N GLU A 55 6.55 19.17 7.51
CA GLU A 55 5.28 19.29 8.22
C GLU A 55 4.06 19.18 7.37
N ASP A 56 4.08 19.81 6.20
CA ASP A 56 2.95 19.74 5.30
C ASP A 56 2.74 18.33 4.73
N LYS A 57 3.81 17.72 4.21
CA LYS A 57 3.78 16.34 3.69
C LYS A 57 3.17 15.43 4.74
N LEU A 58 3.70 15.55 5.95
CA LEU A 58 3.33 14.76 7.10
C LEU A 58 1.83 14.84 7.38
N LYS A 59 1.31 16.07 7.50
CA LYS A 59 -0.14 16.27 7.68
C LYS A 59 -0.95 15.72 6.49
N GLY A 60 -0.46 15.95 5.28
CA GLY A 60 -1.12 15.46 4.07
C GLY A 60 -1.29 13.94 4.09
N GLU A 61 -0.22 13.24 4.46
CA GLU A 61 -0.20 11.78 4.50
C GLU A 61 -1.14 11.28 5.58
N MET A 62 -1.10 11.93 6.74
CA MET A 62 -1.96 11.58 7.85
C MET A 62 -3.43 11.65 7.42
N MET A 63 -3.80 12.76 6.79
CA MET A 63 -5.19 12.96 6.37
C MET A 63 -5.66 11.95 5.33
N ASP A 64 -4.78 11.65 4.36
CA ASP A 64 -5.11 10.70 3.28
C ASP A 64 -5.41 9.31 3.91
N LEU A 65 -4.56 8.82 4.83
CA LEU A 65 -4.85 7.57 5.53
C LEU A 65 -6.14 7.63 6.32
N GLN A 66 -6.35 8.73 7.05
CA GLN A 66 -7.57 8.92 7.84
C GLN A 66 -8.84 8.81 7.00
N HIS A 67 -8.79 9.38 5.79
CA HIS A 67 -9.91 9.33 4.86
C HIS A 67 -10.25 7.91 4.43
N GLY A 68 -9.27 7.00 4.51
CA GLY A 68 -9.52 5.59 4.19
C GLY A 68 -9.86 4.78 5.43
N SER A 69 -9.98 5.42 6.60
CA SER A 69 -10.29 4.76 7.90
C SER A 69 -11.43 3.77 7.88
N LEU A 70 -12.46 4.09 7.10
CA LEU A 70 -13.62 3.23 6.97
C LEU A 70 -13.20 1.80 6.55
N PHE A 71 -12.13 1.74 5.76
CA PHE A 71 -11.70 0.46 5.20
C PHE A 71 -10.64 -0.23 6.07
N LEU A 72 -10.34 0.37 7.22
CA LEU A 72 -9.27 -0.11 8.05
C LEU A 72 -9.78 -0.49 9.44
N GLN A 73 -8.83 -0.92 10.29
CA GLN A 73 -9.11 -1.30 11.66
C GLN A 73 -8.07 -0.69 12.60
N THR A 74 -7.82 0.61 12.38
CA THR A 74 -6.89 1.37 13.21
C THR A 74 -7.59 2.70 13.62
N PRO A 75 -8.08 2.78 14.87
CA PRO A 75 -8.97 3.87 15.28
C PRO A 75 -8.29 5.21 15.48
N LYS A 76 -6.96 5.21 15.57
CA LYS A 76 -6.23 6.45 15.79
C LYS A 76 -4.99 6.53 14.92
N ILE A 77 -4.93 7.58 14.10
CA ILE A 77 -3.77 7.85 13.28
C ILE A 77 -3.38 9.30 13.52
N VAL A 78 -2.16 9.54 13.99
CA VAL A 78 -1.68 10.88 14.37
C VAL A 78 -0.34 11.14 13.68
N ALA A 79 -0.01 12.41 13.45
CA ALA A 79 1.27 12.79 12.84
C ALA A 79 1.75 14.14 13.36
N ASP A 80 3.04 14.24 13.66
CA ASP A 80 3.66 15.52 14.08
C ASP A 80 5.19 15.44 13.96
N LYS A 81 5.83 16.60 13.76
CA LYS A 81 7.29 16.67 13.85
C LYS A 81 7.79 16.39 15.28
N ASP A 82 6.93 16.66 16.27
CA ASP A 82 7.25 16.56 17.69
C ASP A 82 7.02 15.13 18.19
N TYR A 83 8.07 14.54 18.77
CA TYR A 83 8.07 13.13 19.14
C TYR A 83 7.11 12.75 20.25
N SER A 84 6.44 13.77 20.79
CA SER A 84 5.45 13.51 21.82
C SER A 84 4.31 12.65 21.28
N VAL A 85 3.98 12.81 20.00
CA VAL A 85 2.96 11.95 19.36
C VAL A 85 3.33 10.45 19.34
N THR A 86 4.61 10.14 19.55
CA THR A 86 5.11 8.76 19.49
C THR A 86 5.08 8.00 20.80
N ALA A 87 4.68 8.67 21.89
CA ALA A 87 4.69 8.06 23.23
C ALA A 87 3.97 6.71 23.30
N ASN A 88 4.60 5.75 23.99
CA ASN A 88 4.02 4.42 24.24
C ASN A 88 3.87 3.53 23.01
N SER A 89 4.77 3.70 22.05
CA SER A 89 4.89 2.77 20.94
C SER A 89 5.48 1.42 21.40
N LYS A 90 4.91 0.33 20.89
CA LYS A 90 5.51 -0.99 20.99
C LYS A 90 6.69 -1.08 20.05
N ILE A 91 6.52 -0.52 18.85
CA ILE A 91 7.47 -0.66 17.78
C ILE A 91 7.61 0.66 17.06
N VAL A 92 8.86 1.07 16.82
CA VAL A 92 9.16 2.28 16.04
C VAL A 92 10.04 1.90 14.85
N VAL A 93 9.56 2.23 13.65
CA VAL A 93 10.23 1.93 12.40
C VAL A 93 10.89 3.20 11.92
N VAL A 94 12.20 3.14 11.70
CA VAL A 94 12.93 4.31 11.21
C VAL A 94 13.29 4.12 9.76
N THR A 95 12.70 4.95 8.92
CA THR A 95 12.93 4.93 7.49
C THR A 95 13.43 6.31 7.03
N ALA A 96 13.76 7.19 7.97
CA ALA A 96 14.05 8.59 7.67
C ALA A 96 15.47 8.76 7.18
N GLY A 97 15.68 9.76 6.32
CA GLY A 97 17.05 10.14 5.90
C GLY A 97 17.24 10.04 4.41
N VAL A 98 18.51 10.10 3.96
CA VAL A 98 18.79 10.09 2.53
C VAL A 98 18.82 8.65 1.99
N ARG A 99 18.53 8.51 0.69
CA ARG A 99 18.53 7.23 -0.02
C ARG A 99 19.53 7.24 -1.18
N GLN A 100 19.75 6.09 -1.79
CA GLN A 100 20.68 5.95 -2.90
C GLN A 100 20.23 6.72 -4.13
N GLN A 101 21.16 7.47 -4.74
CA GLN A 101 20.94 7.90 -6.11
C GLN A 101 21.33 6.71 -6.98
N GLU A 102 21.00 6.80 -8.27
CA GLU A 102 21.32 5.73 -9.19
C GLU A 102 22.82 5.35 -9.13
N GLY A 103 23.08 4.06 -8.97
CA GLY A 103 24.45 3.52 -8.94
C GLY A 103 25.22 3.74 -7.64
N GLU A 104 24.62 4.47 -6.68
CA GLU A 104 25.31 4.82 -5.43
C GLU A 104 25.25 3.69 -4.41
N SER A 105 26.39 3.42 -3.77
CA SER A 105 26.41 2.44 -2.70
C SER A 105 25.64 2.91 -1.47
N ARG A 106 24.88 1.99 -0.83
CA ARG A 106 24.28 2.28 0.48
C ARG A 106 25.30 2.76 1.52
N LEU A 107 26.53 2.24 1.44
CA LEU A 107 27.58 2.62 2.40
C LEU A 107 27.99 4.10 2.29
N ASN A 108 27.80 4.70 1.11
CA ASN A 108 28.07 6.11 0.88
C ASN A 108 27.12 7.10 1.58
N LEU A 109 26.01 6.58 2.14
CA LEU A 109 25.03 7.39 2.83
C LEU A 109 25.33 7.55 4.30
N VAL A 110 26.34 6.82 4.79
CA VAL A 110 26.53 6.64 6.24
C VAL A 110 26.67 7.94 7.03
N GLN A 111 27.48 8.85 6.51
CA GLN A 111 27.76 10.09 7.23
C GLN A 111 26.51 10.98 7.40
N ARG A 112 25.78 11.15 6.32
CA ARG A 112 24.54 11.93 6.35
C ARG A 112 23.49 11.30 7.28
N ASN A 113 23.36 9.98 7.19
CA ASN A 113 22.31 9.33 7.98
C ASN A 113 22.67 9.10 9.42
N VAL A 114 23.96 9.03 9.72
CA VAL A 114 24.39 9.00 11.12
C VAL A 114 23.98 10.30 11.83
N ASN A 115 24.13 11.42 11.13
CA ASN A 115 23.70 12.73 11.69
C ASN A 115 22.21 12.82 11.93
N VAL A 116 21.43 12.26 11.01
CA VAL A 116 19.98 12.20 11.12
C VAL A 116 19.61 11.37 12.37
N PHE A 117 20.19 10.18 12.48
CA PHE A 117 19.95 9.27 13.61
C PHE A 117 20.37 9.84 14.96
N LYS A 118 21.45 10.65 14.99
CA LYS A 118 21.88 11.27 16.27
C LYS A 118 20.80 12.18 16.86
N PHE A 119 20.03 12.82 15.99
CA PHE A 119 18.85 13.57 16.39
C PHE A 119 17.65 12.64 16.72
N ILE A 120 17.36 11.68 15.85
CA ILE A 120 16.13 10.89 15.95
C ILE A 120 16.09 9.92 17.14
N ILE A 121 17.13 9.11 17.30
CA ILE A 121 17.10 8.01 18.26
C ILE A 121 16.83 8.46 19.70
N PRO A 122 17.51 9.53 20.18
CA PRO A 122 17.21 9.93 21.57
C PRO A 122 15.76 10.40 21.76
N GLN A 123 15.17 10.99 20.74
CA GLN A 123 13.77 11.40 20.85
C GLN A 123 12.84 10.19 20.96
N ILE A 124 13.18 9.12 20.24
CA ILE A 124 12.38 7.90 20.23
C ILE A 124 12.36 7.28 21.60
N VAL A 125 13.56 7.04 22.18
CA VAL A 125 13.65 6.40 23.49
C VAL A 125 13.08 7.29 24.60
N LYS A 126 13.18 8.61 24.44
CA LYS A 126 12.57 9.54 25.38
C LYS A 126 11.07 9.28 25.56
N TYR A 127 10.31 9.19 24.46
CA TYR A 127 8.85 9.02 24.55
C TYR A 127 8.37 7.57 24.60
N SER A 128 9.20 6.63 24.13
CA SER A 128 8.90 5.19 24.21
C SER A 128 10.09 4.42 24.75
N PRO A 129 10.38 4.54 26.07
CA PRO A 129 11.54 3.84 26.65
C PRO A 129 11.50 2.30 26.55
N ASP A 130 10.30 1.72 26.43
CA ASP A 130 10.13 0.26 26.36
C ASP A 130 9.93 -0.30 24.96
N CYS A 131 10.21 0.52 23.94
CA CYS A 131 9.91 0.09 22.57
C CYS A 131 10.89 -0.91 21.97
N ILE A 132 10.52 -1.44 20.80
CA ILE A 132 11.44 -2.13 19.90
C ILE A 132 11.66 -1.17 18.72
N ILE A 133 12.91 -1.04 18.27
CA ILE A 133 13.16 -0.20 17.11
C ILE A 133 13.55 -1.07 15.93
N ILE A 134 12.88 -0.84 14.81
CA ILE A 134 13.28 -1.50 13.56
C ILE A 134 13.86 -0.44 12.65
N VAL A 135 15.14 -0.64 12.32
CA VAL A 135 15.87 0.28 11.48
C VAL A 135 15.73 -0.14 10.06
N VAL A 136 15.35 0.80 9.22
CA VAL A 136 15.21 0.51 7.80
C VAL A 136 16.17 1.35 6.98
N SER A 137 16.38 2.59 7.39
CA SER A 137 17.28 3.54 6.69
C SER A 137 18.64 2.93 6.43
N ASN A 138 19.25 3.33 5.31
CA ASN A 138 20.49 2.72 4.85
C ASN A 138 21.73 3.56 5.24
N PRO A 139 22.90 2.90 5.43
CA PRO A 139 23.09 1.45 5.31
C PRO A 139 22.56 0.74 6.55
N VAL A 140 21.57 -0.12 6.33
CA VAL A 140 20.73 -0.60 7.43
C VAL A 140 21.51 -1.29 8.58
N ASP A 141 22.53 -2.06 8.24
CA ASP A 141 23.31 -2.79 9.26
C ASP A 141 24.11 -1.84 10.16
N ILE A 142 24.83 -0.92 9.54
CA ILE A 142 25.56 0.11 10.28
C ILE A 142 24.63 1.01 11.13
N LEU A 143 23.48 1.38 10.58
CA LEU A 143 22.58 2.26 11.31
C LEU A 143 21.88 1.51 12.43
N THR A 144 21.88 0.18 12.33
CA THR A 144 21.38 -0.64 13.43
C THR A 144 22.40 -0.61 14.57
N TYR A 145 23.68 -0.73 14.23
CA TYR A 145 24.75 -0.58 15.22
C TYR A 145 24.64 0.80 15.87
N VAL A 146 24.60 1.83 15.04
CA VAL A 146 24.44 3.22 15.51
C VAL A 146 23.25 3.39 16.46
N THR A 147 22.09 2.86 16.08
CA THR A 147 20.88 2.94 16.92
C THR A 147 21.08 2.25 18.28
N TRP A 148 21.68 1.07 18.23
CA TRP A 148 21.98 0.35 19.48
C TRP A 148 22.84 1.21 20.42
N LYS A 149 23.95 1.75 19.91
CA LYS A 149 24.84 2.63 20.71
C LYS A 149 24.11 3.89 21.17
N LEU A 150 23.42 4.58 20.25
CA LEU A 150 22.74 5.82 20.60
C LEU A 150 21.62 5.65 21.63
N SER A 151 20.91 4.53 21.56
CA SER A 151 19.68 4.35 22.34
C SER A 151 19.91 3.80 23.74
N GLY A 152 20.99 3.04 23.90
CA GLY A 152 21.27 2.34 25.15
C GLY A 152 20.29 1.22 25.48
N LEU A 153 19.56 0.72 24.47
CA LEU A 153 18.61 -0.38 24.66
C LEU A 153 19.35 -1.68 24.52
N PRO A 154 18.82 -2.78 25.11
CA PRO A 154 19.50 -4.05 24.92
C PRO A 154 19.42 -4.54 23.47
N LYS A 155 20.31 -5.46 23.13
CA LYS A 155 20.45 -6.01 21.78
C LYS A 155 19.13 -6.58 21.21
N HIS A 156 18.29 -7.18 22.05
CA HIS A 156 17.04 -7.78 21.54
C HIS A 156 15.93 -6.81 21.16
N ARG A 157 16.15 -5.51 21.40
CA ARG A 157 15.17 -4.46 21.10
C ARG A 157 15.57 -3.53 19.95
N VAL A 158 16.70 -3.83 19.31
CA VAL A 158 17.20 -3.03 18.20
C VAL A 158 17.53 -3.92 17.04
N ILE A 159 16.70 -3.81 16.01
CA ILE A 159 16.71 -4.77 14.90
C ILE A 159 16.80 -4.06 13.55
N GLY A 160 17.70 -4.49 12.68
CA GLY A 160 17.73 -3.98 11.32
C GLY A 160 16.86 -4.87 10.43
N SER A 161 16.09 -4.26 9.51
CA SER A 161 15.21 -5.04 8.62
C SER A 161 16.09 -5.99 7.79
N GLY A 162 17.33 -5.55 7.57
CA GLY A 162 18.39 -6.46 7.10
C GLY A 162 18.05 -7.24 5.85
N CYS A 163 18.33 -8.55 5.88
CA CYS A 163 18.19 -9.41 4.68
C CYS A 163 16.85 -10.11 4.50
N ASN A 164 15.86 -9.70 5.27
CA ASN A 164 14.51 -10.23 5.09
C ASN A 164 14.09 -9.97 3.65
N LEU A 165 14.37 -8.76 3.16
CA LEU A 165 14.10 -8.37 1.77
C LEU A 165 14.95 -9.13 0.74
N ASP A 166 16.25 -9.26 1.00
CA ASP A 166 17.13 -10.01 0.09
C ASP A 166 16.70 -11.46 -0.05
N SER A 167 16.38 -12.09 1.06
CA SER A 167 15.95 -13.48 1.00
C SER A 167 14.61 -13.59 0.28
N ALA A 168 13.73 -12.61 0.48
CA ALA A 168 12.46 -12.59 -0.28
C ALA A 168 12.71 -12.54 -1.78
N ARG A 169 13.65 -11.68 -2.19
CA ARG A 169 14.01 -11.53 -3.59
C ARG A 169 14.61 -12.82 -4.12
N PHE A 170 15.46 -13.43 -3.30
CA PHE A 170 16.13 -14.69 -3.62
C PHE A 170 15.12 -15.81 -3.83
N ARG A 171 14.18 -15.92 -2.89
CA ARG A 171 13.16 -16.95 -2.98
C ARG A 171 12.25 -16.72 -4.19
N TYR A 172 11.94 -15.45 -4.50
CA TYR A 172 11.18 -15.12 -5.73
C TYR A 172 11.92 -15.59 -7.00
N LEU A 173 13.22 -15.31 -7.08
CA LEU A 173 13.98 -15.68 -8.30
C LEU A 173 14.06 -17.19 -8.46
N MET A 174 14.28 -17.86 -7.34
CA MET A 174 14.33 -19.30 -7.26
C MET A 174 13.00 -19.89 -7.76
N ALA A 175 11.90 -19.37 -7.22
CA ALA A 175 10.53 -19.79 -7.63
C ALA A 175 10.24 -19.53 -9.09
N GLU A 176 10.73 -18.42 -9.61
CA GLU A 176 10.65 -18.13 -11.05
C GLU A 176 11.27 -19.27 -11.86
N LYS A 177 12.44 -19.73 -11.44
CA LYS A 177 13.13 -20.76 -12.20
C LYS A 177 12.48 -22.15 -12.04
N LEU A 178 11.76 -22.37 -10.93
CA LEU A 178 11.17 -23.69 -10.68
C LEU A 178 9.67 -23.81 -10.96
N GLY A 179 9.00 -22.69 -11.13
CA GLY A 179 7.56 -22.65 -11.35
C GLY A 179 6.71 -22.94 -10.12
N VAL A 180 7.24 -22.70 -8.91
CA VAL A 180 6.45 -22.87 -7.67
C VAL A 180 6.32 -21.53 -6.92
N HIS A 181 5.55 -21.52 -5.82
CA HIS A 181 5.39 -20.29 -5.01
C HIS A 181 6.66 -20.02 -4.21
N PRO A 182 7.05 -18.74 -4.12
CA PRO A 182 8.24 -18.41 -3.33
C PRO A 182 8.21 -19.00 -1.92
N SER A 183 7.04 -19.09 -1.31
CA SER A 183 6.98 -19.66 0.04
C SER A 183 7.37 -21.14 0.11
N SER A 184 7.30 -21.82 -1.03
CA SER A 184 7.72 -23.24 -1.13
C SER A 184 9.21 -23.42 -1.53
N CYS A 185 9.90 -22.33 -1.82
CA CYS A 185 11.36 -22.37 -2.06
C CYS A 185 12.04 -21.80 -0.83
N HIS A 186 13.12 -22.43 -0.38
CA HIS A 186 13.78 -22.02 0.86
C HIS A 186 15.26 -21.74 0.61
N GLY A 187 15.72 -20.61 1.12
CA GLY A 187 17.10 -20.19 0.93
C GLY A 187 17.32 -18.90 1.68
N TRP A 188 18.55 -18.72 2.18
CA TRP A 188 18.87 -17.59 3.02
C TRP A 188 19.98 -16.76 2.40
N ILE A 189 19.73 -15.45 2.29
CA ILE A 189 20.76 -14.44 2.04
C ILE A 189 21.10 -13.82 3.38
N LEU A 190 22.38 -13.86 3.76
CA LEU A 190 22.84 -13.39 5.08
C LEU A 190 23.93 -12.31 4.94
N GLY A 191 24.38 -11.77 6.07
CA GLY A 191 25.38 -10.73 6.05
C GLY A 191 24.80 -9.34 5.80
N GLU A 192 25.55 -8.53 5.04
CA GLU A 192 25.22 -7.13 4.77
C GLU A 192 24.00 -7.08 3.85
N HIS A 193 23.02 -6.22 4.19
CA HIS A 193 21.98 -5.89 3.21
C HIS A 193 22.66 -4.98 2.20
N GLY A 194 23.29 -5.57 1.18
CA GLY A 194 24.21 -4.82 0.31
C GLY A 194 25.06 -5.69 -0.62
N ASP A 195 26.13 -5.10 -1.18
CA ASP A 195 26.95 -5.79 -2.19
C ASP A 195 27.68 -7.02 -1.66
N SER A 196 27.99 -7.05 -0.37
CA SER A 196 28.71 -8.19 0.21
C SER A 196 27.81 -9.25 0.87
N SER A 197 26.52 -9.27 0.55
CA SER A 197 25.63 -10.29 1.12
C SER A 197 26.06 -11.70 0.71
N VAL A 198 25.60 -12.71 1.45
CA VAL A 198 26.06 -14.10 1.27
C VAL A 198 24.90 -15.03 0.95
N ALA A 199 24.99 -15.74 -0.18
CA ALA A 199 23.99 -16.75 -0.50
C ALA A 199 24.36 -18.02 0.23
N VAL A 200 23.50 -18.50 1.11
CA VAL A 200 23.81 -19.70 1.88
C VAL A 200 23.40 -20.93 1.07
N TRP A 201 24.18 -21.23 0.05
CA TRP A 201 23.89 -22.35 -0.85
C TRP A 201 23.62 -23.67 -0.15
N SER A 202 24.31 -23.93 0.97
CA SER A 202 24.13 -25.16 1.72
C SER A 202 22.74 -25.37 2.35
N GLY A 203 21.99 -24.27 2.56
CA GLY A 203 20.62 -24.37 3.07
C GLY A 203 19.50 -24.28 2.04
N VAL A 204 19.85 -24.07 0.77
CA VAL A 204 18.84 -23.92 -0.28
C VAL A 204 18.18 -25.29 -0.58
N ASN A 205 16.85 -25.33 -0.49
CA ASN A 205 16.13 -26.56 -0.64
C ASN A 205 14.68 -26.34 -1.06
N VAL A 206 14.12 -27.33 -1.76
CA VAL A 206 12.71 -27.37 -2.05
C VAL A 206 12.18 -28.66 -1.44
N ALA A 207 11.22 -28.54 -0.52
CA ALA A 207 10.67 -29.70 0.19
C ALA A 207 11.75 -30.53 0.92
N GLY A 208 12.74 -29.83 1.48
CA GLY A 208 13.86 -30.48 2.16
C GLY A 208 14.89 -31.16 1.26
N VAL A 209 14.66 -31.12 -0.06
CA VAL A 209 15.65 -31.60 -1.04
C VAL A 209 16.76 -30.56 -1.19
N SER A 210 17.99 -30.93 -0.79
CA SER A 210 19.14 -30.03 -0.81
C SER A 210 19.58 -29.84 -2.25
N LEU A 211 19.48 -28.61 -2.77
CA LEU A 211 19.84 -28.37 -4.17
C LEU A 211 21.36 -28.43 -4.42
N GLN A 212 22.15 -28.01 -3.43
CA GLN A 212 23.62 -28.13 -3.48
C GLN A 212 24.09 -29.59 -3.46
N GLU A 213 23.35 -30.46 -2.80
CA GLU A 213 23.58 -31.90 -2.94
C GLU A 213 23.29 -32.45 -4.33
N LEU A 214 22.24 -31.96 -4.98
CA LEU A 214 21.94 -32.39 -6.35
C LEU A 214 22.95 -31.83 -7.35
N ASN A 215 23.51 -30.66 -7.03
CA ASN A 215 24.39 -29.93 -7.93
C ASN A 215 25.50 -29.32 -7.06
N PRO A 216 26.56 -30.12 -6.75
CA PRO A 216 27.65 -29.65 -5.87
C PRO A 216 28.36 -28.38 -6.37
N GLU A 217 28.21 -28.03 -7.65
CA GLU A 217 28.81 -26.81 -8.21
C GLU A 217 27.95 -25.54 -8.04
N MET A 218 26.75 -25.72 -7.48
CA MET A 218 25.85 -24.60 -7.19
C MET A 218 26.61 -23.47 -6.51
N GLY A 219 26.58 -22.28 -7.12
CA GLY A 219 27.22 -21.11 -6.55
C GLY A 219 28.66 -20.86 -7.00
N THR A 220 29.20 -21.78 -7.79
CA THR A 220 30.54 -21.61 -8.37
C THR A 220 30.44 -21.00 -9.78
N ASP A 221 31.58 -20.87 -10.45
CA ASP A 221 31.58 -20.40 -11.84
C ASP A 221 31.52 -21.60 -12.78
N ASN A 222 31.56 -22.79 -12.20
CA ASN A 222 31.49 -24.05 -12.93
C ASN A 222 30.08 -24.67 -12.87
N ASP A 223 29.07 -23.85 -13.08
CA ASP A 223 27.68 -24.24 -12.80
C ASP A 223 26.86 -24.40 -14.08
N SER A 224 26.30 -25.60 -14.26
CA SER A 224 25.44 -25.88 -15.43
C SER A 224 24.16 -25.03 -15.37
N GLU A 225 23.34 -25.23 -14.34
CA GLU A 225 22.38 -24.22 -13.93
C GLU A 225 23.24 -23.03 -13.51
N ASN A 226 22.70 -21.83 -13.37
CA ASN A 226 23.63 -20.72 -13.15
C ASN A 226 23.31 -19.90 -11.90
N TRP A 227 23.45 -20.58 -10.76
CA TRP A 227 22.96 -20.06 -9.49
C TRP A 227 23.66 -18.81 -9.03
N LYS A 228 24.95 -18.72 -9.33
CA LYS A 228 25.72 -17.53 -9.02
C LYS A 228 25.03 -16.28 -9.58
N GLU A 229 24.49 -16.38 -10.79
CA GLU A 229 23.73 -15.26 -11.38
C GLU A 229 22.47 -14.88 -10.58
N VAL A 230 21.82 -15.87 -9.96
CA VAL A 230 20.67 -15.58 -9.10
C VAL A 230 21.08 -14.67 -7.95
N HIS A 231 22.13 -15.06 -7.23
CA HIS A 231 22.69 -14.22 -6.17
C HIS A 231 23.08 -12.84 -6.70
N LYS A 232 23.68 -12.81 -7.88
CA LYS A 232 24.06 -11.53 -8.46
C LYS A 232 22.80 -10.66 -8.72
N MET A 233 21.75 -11.25 -9.26
CA MET A 233 20.48 -10.54 -9.42
C MET A 233 19.91 -10.02 -8.08
N VAL A 234 20.10 -10.79 -7.01
CA VAL A 234 19.71 -10.35 -5.68
C VAL A 234 20.52 -9.10 -5.29
N VAL A 235 21.85 -9.18 -5.42
CA VAL A 235 22.75 -8.04 -5.13
C VAL A 235 22.36 -6.81 -5.95
N GLU A 236 22.06 -7.01 -7.22
CA GLU A 236 21.87 -5.88 -8.11
C GLU A 236 20.46 -5.26 -8.10
N SER A 237 19.48 -6.03 -7.60
CA SER A 237 18.07 -5.65 -7.67
C SER A 237 17.76 -4.21 -7.24
N ALA A 238 18.27 -3.76 -6.10
CA ALA A 238 17.98 -2.40 -5.69
C ALA A 238 18.42 -1.39 -6.76
N TYR A 239 19.65 -1.53 -7.25
CA TYR A 239 20.19 -0.61 -8.28
C TYR A 239 19.30 -0.63 -9.51
N GLU A 240 18.90 -1.82 -9.94
CA GLU A 240 18.08 -1.96 -11.13
C GLU A 240 16.70 -1.29 -10.97
N VAL A 241 16.04 -1.51 -9.83
CA VAL A 241 14.75 -0.88 -9.56
C VAL A 241 14.92 0.64 -9.40
N ILE A 242 15.95 1.05 -8.68
CA ILE A 242 16.24 2.49 -8.54
C ILE A 242 16.46 3.16 -9.92
N LYS A 243 17.13 2.46 -10.82
CA LYS A 243 17.37 2.98 -12.15
C LYS A 243 16.05 3.15 -12.91
N LEU A 244 15.12 2.21 -12.70
CA LEU A 244 13.82 2.22 -13.32
C LEU A 244 12.79 3.16 -12.68
N LYS A 245 12.62 3.12 -11.36
CA LYS A 245 11.55 3.94 -10.76
C LYS A 245 12.05 4.99 -9.79
N GLY A 246 13.36 4.99 -9.51
CA GLY A 246 13.97 6.05 -8.69
C GLY A 246 14.28 5.66 -7.26
N TYR A 247 13.60 4.62 -6.77
CA TYR A 247 13.73 4.19 -5.37
C TYR A 247 13.04 2.82 -5.34
N THR A 248 13.07 2.13 -4.21
CA THR A 248 12.24 0.94 -4.04
C THR A 248 11.37 1.18 -2.80
N ASN A 249 10.20 0.55 -2.70
CA ASN A 249 9.38 0.72 -1.50
C ASN A 249 8.39 -0.42 -1.21
N TRP A 250 7.75 -0.98 -2.23
CA TRP A 250 6.66 -1.96 -1.99
C TRP A 250 7.19 -3.24 -1.32
N ALA A 251 8.26 -3.81 -1.86
CA ALA A 251 8.79 -5.05 -1.29
C ALA A 251 9.25 -4.82 0.15
N ILE A 252 9.94 -3.71 0.40
CA ILE A 252 10.40 -3.42 1.75
C ILE A 252 9.22 -3.13 2.69
N GLY A 253 8.19 -2.46 2.20
CA GLY A 253 7.01 -2.18 3.06
C GLY A 253 6.39 -3.49 3.51
N LEU A 254 6.29 -4.44 2.60
CA LEU A 254 5.78 -5.78 2.90
C LEU A 254 6.72 -6.56 3.83
N SER A 255 8.03 -6.42 3.61
CA SER A 255 9.01 -7.13 4.44
C SER A 255 8.88 -6.63 5.87
N VAL A 256 8.74 -5.32 6.02
CA VAL A 256 8.69 -4.73 7.35
C VAL A 256 7.42 -5.18 8.09
N ALA A 257 6.29 -5.23 7.38
CA ALA A 257 5.03 -5.67 7.98
C ALA A 257 5.12 -7.14 8.39
N ASP A 258 5.86 -7.94 7.62
CA ASP A 258 6.11 -9.36 7.93
C ASP A 258 6.82 -9.47 9.29
N LEU A 259 7.87 -8.66 9.46
CA LEU A 259 8.62 -8.69 10.73
C LEU A 259 7.76 -8.25 11.91
N ILE A 260 6.94 -7.21 11.70
CA ILE A 260 6.11 -6.65 12.75
C ILE A 260 5.03 -7.67 13.15
N GLU A 261 4.46 -8.35 12.16
CA GLU A 261 3.48 -9.36 12.45
C GLU A 261 4.04 -10.46 13.37
N SER A 262 5.25 -10.93 13.06
CA SER A 262 5.86 -11.95 13.88
C SER A 262 6.03 -11.48 15.30
N MET A 263 6.47 -10.22 15.47
CA MET A 263 6.70 -9.66 16.80
C MET A 263 5.41 -9.39 17.55
N LEU A 264 4.47 -8.64 16.95
CA LEU A 264 3.26 -8.31 17.69
C LEU A 264 2.33 -9.51 17.89
N LYS A 265 2.38 -10.50 17.02
CA LYS A 265 1.64 -11.74 17.27
C LYS A 265 2.42 -12.74 18.11
N ASN A 266 3.64 -12.35 18.52
CA ASN A 266 4.45 -13.18 19.44
C ASN A 266 4.72 -14.58 18.86
N LEU A 267 5.05 -14.65 17.58
CA LEU A 267 5.07 -15.94 16.90
C LEU A 267 6.37 -16.74 17.04
N SER A 268 7.49 -16.06 17.32
CA SER A 268 8.83 -16.69 17.27
C SER A 268 9.06 -17.36 15.92
N ARG A 269 8.76 -16.63 14.85
CA ARG A 269 9.14 -17.07 13.52
C ARG A 269 10.56 -16.61 13.24
N ILE A 270 11.23 -17.30 12.32
CA ILE A 270 12.64 -17.03 12.05
C ILE A 270 12.83 -16.19 10.79
N HIS A 271 13.55 -15.09 10.92
CA HIS A 271 13.78 -14.15 9.83
C HIS A 271 15.26 -13.76 9.76
N PRO A 272 15.79 -13.54 8.56
CA PRO A 272 17.16 -12.99 8.48
C PRO A 272 17.16 -11.49 8.68
N VAL A 273 17.46 -11.08 9.91
CA VAL A 273 17.49 -9.66 10.23
C VAL A 273 18.80 -9.29 10.89
N SER A 274 19.09 -8.00 10.92
CA SER A 274 20.40 -7.52 11.35
C SER A 274 20.50 -7.47 12.88
N THR A 275 21.51 -8.16 13.40
CA THR A 275 21.75 -8.19 14.84
C THR A 275 23.27 -8.15 15.17
N MET A 276 23.59 -8.08 16.46
CA MET A 276 25.00 -8.00 16.88
C MET A 276 25.60 -9.40 16.87
N VAL A 277 26.54 -9.65 15.98
CA VAL A 277 26.96 -11.04 15.69
C VAL A 277 28.34 -11.42 16.22
N GLN A 278 28.89 -10.56 17.08
CA GLN A 278 30.21 -10.79 17.65
C GLN A 278 30.32 -12.16 18.32
N GLY A 279 31.33 -12.93 17.94
CA GLY A 279 31.56 -14.22 18.59
C GLY A 279 31.04 -15.38 17.77
N MET A 280 30.37 -15.08 16.67
CA MET A 280 29.86 -16.12 15.78
C MET A 280 30.65 -16.20 14.50
N TYR A 281 30.93 -17.43 14.08
CA TYR A 281 31.71 -17.70 12.88
C TYR A 281 33.05 -16.96 12.90
N GLY A 282 33.61 -16.84 14.11
CA GLY A 282 34.90 -16.19 14.33
C GLY A 282 34.93 -14.70 14.09
N ILE A 283 33.76 -14.05 14.10
CA ILE A 283 33.67 -12.61 13.90
C ILE A 283 33.96 -11.96 15.24
N GLU A 284 35.01 -11.17 15.31
CA GLU A 284 35.45 -10.77 16.65
C GLU A 284 35.12 -9.34 17.09
N ASN A 285 34.60 -8.52 16.18
CA ASN A 285 34.15 -7.17 16.51
C ASN A 285 32.61 -7.04 16.66
N GLU A 286 32.15 -5.91 17.21
CA GLU A 286 30.72 -5.66 17.45
C GLU A 286 29.98 -5.31 16.16
N VAL A 287 30.01 -6.25 15.23
CA VAL A 287 29.43 -6.06 13.91
C VAL A 287 27.94 -6.41 13.96
N PHE A 288 27.14 -5.64 13.22
CA PHE A 288 25.74 -5.96 12.96
C PHE A 288 25.63 -6.41 11.54
N LEU A 289 25.10 -7.61 11.34
CA LEU A 289 24.66 -8.02 10.01
C LEU A 289 23.56 -9.06 10.19
N SER A 290 22.96 -9.54 9.10
CA SER A 290 21.83 -10.50 9.18
C SER A 290 22.22 -11.97 9.34
N LEU A 291 21.54 -12.62 10.28
CA LEU A 291 21.56 -14.08 10.46
C LEU A 291 20.09 -14.47 10.69
N PRO A 292 19.74 -15.77 10.58
CA PRO A 292 18.39 -16.15 10.93
C PRO A 292 18.16 -15.94 12.42
N CYS A 293 17.14 -15.12 12.76
CA CYS A 293 16.80 -14.78 14.14
C CYS A 293 15.33 -15.07 14.47
N VAL A 294 15.08 -15.46 15.73
CA VAL A 294 13.74 -15.71 16.29
C VAL A 294 13.13 -14.36 16.73
N LEU A 295 11.98 -14.00 16.16
CA LEU A 295 11.29 -12.74 16.49
C LEU A 295 9.93 -12.98 17.17
N ASN A 296 9.67 -12.29 18.27
CA ASN A 296 8.41 -12.44 19.00
C ASN A 296 8.12 -11.11 19.71
N ALA A 297 7.21 -11.09 20.70
CA ALA A 297 6.78 -9.82 21.32
C ALA A 297 7.87 -9.11 22.13
N ARG A 298 8.92 -9.85 22.47
CA ARG A 298 10.10 -9.27 23.11
C ARG A 298 11.10 -8.71 22.13
N GLY A 299 10.96 -9.04 20.85
CA GLY A 299 11.87 -8.54 19.82
C GLY A 299 12.66 -9.70 19.23
N LEU A 300 13.98 -9.57 19.22
CA LEU A 300 14.87 -10.59 18.66
C LEU A 300 15.52 -11.39 19.80
N THR A 301 14.95 -12.54 20.12
CA THR A 301 15.30 -13.23 21.36
C THR A 301 16.42 -14.25 21.20
N SER A 302 16.62 -14.74 19.97
CA SER A 302 17.59 -15.81 19.66
C SER A 302 18.14 -15.69 18.23
N VAL A 303 19.29 -16.31 18.02
CA VAL A 303 19.87 -16.47 16.68
C VAL A 303 20.05 -17.95 16.47
N ILE A 304 19.96 -18.38 15.21
CA ILE A 304 20.10 -19.76 14.87
C ILE A 304 21.56 -20.03 14.52
N ASN A 305 22.18 -20.98 15.24
CA ASN A 305 23.53 -21.40 14.87
C ASN A 305 23.42 -22.29 13.66
N GLN A 306 24.12 -21.93 12.61
CA GLN A 306 24.08 -22.72 11.40
C GLN A 306 25.37 -23.49 11.18
N LYS A 307 25.28 -24.54 10.39
CA LYS A 307 26.45 -25.24 9.91
C LYS A 307 26.79 -24.72 8.53
N LEU A 308 27.45 -23.57 8.48
CA LEU A 308 27.85 -22.94 7.24
C LEU A 308 29.07 -23.65 6.64
N LYS A 309 29.12 -23.71 5.31
CA LYS A 309 30.28 -24.24 4.61
C LYS A 309 31.45 -23.28 4.79
N ASP A 310 32.66 -23.80 4.62
CA ASP A 310 33.86 -22.96 4.79
C ASP A 310 33.83 -21.68 3.96
N ASP A 311 33.45 -21.81 2.70
CA ASP A 311 33.38 -20.64 1.80
C ASP A 311 32.34 -19.63 2.30
N GLU A 312 31.23 -20.15 2.81
CA GLU A 312 30.16 -19.32 3.34
C GLU A 312 30.66 -18.56 4.55
N VAL A 313 31.39 -19.22 5.45
CA VAL A 313 32.04 -18.56 6.58
C VAL A 313 32.98 -17.45 6.09
N ALA A 314 33.78 -17.77 5.08
CA ALA A 314 34.73 -16.77 4.56
C ALA A 314 33.99 -15.55 3.99
N GLN A 315 32.90 -15.80 3.25
CA GLN A 315 32.06 -14.73 2.69
C GLN A 315 31.44 -13.87 3.79
N LEU A 316 30.93 -14.51 4.84
CA LEU A 316 30.32 -13.81 5.96
C LEU A 316 31.34 -12.99 6.72
N LYS A 317 32.53 -13.55 6.88
CA LYS A 317 33.66 -12.84 7.47
C LYS A 317 34.05 -11.59 6.67
N ASN A 318 34.15 -11.73 5.36
CA ASN A 318 34.40 -10.58 4.47
C ASN A 318 33.35 -9.47 4.66
N SER A 319 32.08 -9.87 4.81
CA SER A 319 30.97 -8.94 5.00
C SER A 319 31.16 -8.20 6.32
N ALA A 320 31.49 -8.95 7.37
CA ALA A 320 31.75 -8.35 8.68
C ALA A 320 32.92 -7.37 8.63
N ASP A 321 33.98 -7.75 7.91
CA ASP A 321 35.16 -6.89 7.76
C ASP A 321 34.82 -5.63 6.97
N THR A 322 34.04 -5.76 5.89
CA THR A 322 33.62 -4.58 5.12
C THR A 322 32.87 -3.60 6.02
N LEU A 323 31.97 -4.14 6.85
CA LEU A 323 31.10 -3.32 7.69
C LEU A 323 31.87 -2.73 8.87
N TRP A 324 32.75 -3.53 9.46
CA TRP A 324 33.58 -3.05 10.55
C TRP A 324 34.50 -1.91 10.10
N GLY A 325 35.01 -1.99 8.88
CA GLY A 325 35.84 -0.92 8.29
C GLY A 325 35.19 0.45 8.41
N ILE A 326 33.86 0.49 8.33
CA ILE A 326 33.10 1.73 8.45
C ILE A 326 32.73 2.01 9.90
N GLN A 327 32.24 1.00 10.60
CA GLN A 327 31.84 1.16 12.01
C GLN A 327 32.93 1.73 12.93
N LYS A 328 34.16 1.25 12.75
CA LYS A 328 35.25 1.58 13.67
C LYS A 328 35.57 3.08 13.73
N ASP A 329 35.35 3.78 12.61
CA ASP A 329 35.67 5.21 12.45
C ASP A 329 34.55 6.18 12.84
N LEU A 330 33.50 5.67 13.48
CA LEU A 330 32.35 6.49 13.88
C LEU A 330 32.57 7.17 15.23
N LYS A 331 32.09 8.42 15.37
CA LYS A 331 32.27 9.21 16.61
C LYS A 331 30.96 9.44 17.37
N ASP A 332 30.96 9.15 18.67
CA ASP A 332 29.74 9.09 19.53
C ASP A 332 28.74 8.02 19.07
N ALA B 1 18.29 -33.16 -17.14
CA ALA B 1 19.32 -32.14 -17.51
C ALA B 1 19.20 -30.92 -16.59
N THR B 2 18.34 -29.97 -16.96
CA THR B 2 18.08 -28.77 -16.13
C THR B 2 17.47 -29.16 -14.79
N LEU B 3 17.63 -28.30 -13.78
CA LEU B 3 17.19 -28.60 -12.42
C LEU B 3 15.67 -28.78 -12.33
N LYS B 4 14.92 -27.93 -13.03
CA LYS B 4 13.47 -28.06 -13.09
C LYS B 4 13.03 -29.43 -13.64
N GLU B 5 13.84 -30.01 -14.51
CA GLU B 5 13.56 -31.36 -15.04
C GLU B 5 13.98 -32.47 -14.08
N LYS B 6 15.04 -32.24 -13.31
CA LYS B 6 15.51 -33.19 -12.30
C LYS B 6 14.62 -33.23 -11.06
N LEU B 7 14.09 -32.06 -10.69
CA LEU B 7 13.43 -31.87 -9.40
C LEU B 7 11.92 -32.11 -9.45
N ILE B 8 11.31 -31.73 -10.58
CA ILE B 8 9.87 -31.58 -10.71
C ILE B 8 9.27 -32.51 -11.79
N ALA B 9 8.65 -33.60 -11.34
CA ALA B 9 8.06 -34.59 -12.25
C ALA B 9 6.59 -34.27 -12.55
N PRO B 10 6.26 -33.93 -13.82
CA PRO B 10 4.88 -33.56 -14.19
C PRO B 10 3.89 -34.70 -13.99
N VAL B 11 2.72 -34.38 -13.43
CA VAL B 11 1.63 -35.33 -13.27
C VAL B 11 0.60 -35.03 -14.35
N ALA B 12 0.55 -33.78 -14.77
CA ALA B 12 -0.37 -33.32 -15.79
C ALA B 12 0.45 -32.72 -16.93
N GLU B 13 -0.08 -32.83 -18.15
CA GLU B 13 0.59 -32.19 -19.28
C GLU B 13 0.44 -30.67 -19.19
N GLU B 14 1.50 -29.98 -19.63
CA GLU B 14 1.49 -28.53 -19.77
C GLU B 14 0.29 -28.02 -20.56
N GLU B 15 -0.22 -26.87 -20.15
CA GLU B 15 -1.32 -26.18 -20.83
C GLU B 15 -1.27 -24.71 -20.48
N THR B 16 -1.50 -23.84 -21.46
CA THR B 16 -1.68 -22.42 -21.17
C THR B 16 -3.03 -22.29 -20.47
N THR B 17 -3.02 -21.65 -19.31
CA THR B 17 -4.25 -21.49 -18.55
C THR B 17 -4.69 -20.05 -18.50
N ILE B 18 -6.01 -19.87 -18.54
CA ILE B 18 -6.62 -18.57 -18.38
C ILE B 18 -6.78 -18.27 -16.88
N PRO B 19 -6.31 -17.07 -16.45
CA PRO B 19 -6.51 -16.62 -15.07
C PRO B 19 -7.99 -16.48 -14.72
N ASN B 20 -8.29 -16.78 -13.47
CA ASN B 20 -9.64 -16.79 -12.93
C ASN B 20 -10.15 -15.38 -12.58
N ASN B 21 -9.29 -14.54 -12.00
CA ASN B 21 -9.67 -13.26 -11.40
C ASN B 21 -8.66 -12.15 -11.68
N LYS B 22 -8.24 -12.06 -12.94
CA LYS B 22 -7.20 -11.10 -13.35
C LYS B 22 -7.64 -9.64 -13.25
N ILE B 23 -6.74 -8.81 -12.76
CA ILE B 23 -7.00 -7.38 -12.71
C ILE B 23 -5.89 -6.63 -13.42
N THR B 24 -6.28 -5.65 -14.22
CA THR B 24 -5.34 -4.71 -14.79
C THR B 24 -5.54 -3.36 -14.16
N VAL B 25 -4.43 -2.71 -13.84
CA VAL B 25 -4.46 -1.31 -13.44
C VAL B 25 -3.70 -0.53 -14.51
N VAL B 26 -4.40 0.39 -15.15
CA VAL B 26 -3.80 1.26 -16.17
C VAL B 26 -3.39 2.57 -15.54
N GLY B 27 -2.12 2.91 -15.72
CA GLY B 27 -1.52 4.05 -15.02
C GLY B 27 -0.88 3.56 -13.73
N VAL B 28 0.46 3.68 -13.62
CA VAL B 28 1.21 3.26 -12.42
C VAL B 28 1.74 4.45 -11.63
N GLY B 29 0.94 5.51 -11.56
CA GLY B 29 1.29 6.65 -10.75
C GLY B 29 0.90 6.47 -9.28
N GLN B 30 0.74 7.59 -8.58
CA GLN B 30 0.42 7.55 -7.14
C GLN B 30 -0.84 6.73 -6.90
N VAL B 31 -1.87 6.96 -7.70
CA VAL B 31 -3.17 6.31 -7.53
C VAL B 31 -3.12 4.86 -7.99
N GLY B 32 -2.54 4.61 -9.16
CA GLY B 32 -2.50 3.26 -9.69
C GLY B 32 -1.77 2.29 -8.75
N MET B 33 -0.66 2.73 -8.18
CA MET B 33 0.14 1.87 -7.30
C MET B 33 -0.55 1.69 -5.92
N ALA B 34 -1.24 2.73 -5.45
CA ALA B 34 -2.05 2.59 -4.23
C ALA B 34 -3.13 1.55 -4.47
N CYS B 35 -3.79 1.61 -5.63
CA CYS B 35 -4.78 0.61 -5.97
C CYS B 35 -4.13 -0.80 -6.04
N ALA B 36 -2.98 -0.89 -6.71
CA ALA B 36 -2.24 -2.16 -6.86
C ALA B 36 -1.94 -2.82 -5.50
N ILE B 37 -1.32 -2.05 -4.61
CA ILE B 37 -0.88 -2.58 -3.31
C ILE B 37 -2.10 -3.00 -2.43
N SER B 38 -3.21 -2.26 -2.55
CA SER B 38 -4.43 -2.55 -1.77
C SER B 38 -5.13 -3.80 -2.31
N ILE B 39 -5.13 -3.95 -3.62
CA ILE B 39 -5.64 -5.15 -4.29
C ILE B 39 -4.79 -6.37 -3.89
N LEU B 40 -3.48 -6.21 -3.93
CA LEU B 40 -2.56 -7.30 -3.60
C LEU B 40 -2.69 -7.70 -2.13
N GLY B 41 -2.74 -6.68 -1.25
CA GLY B 41 -2.82 -6.88 0.22
C GLY B 41 -4.05 -7.67 0.63
N LYS B 42 -5.12 -7.54 -0.14
CA LYS B 42 -6.35 -8.27 0.15
C LYS B 42 -6.47 -9.56 -0.65
N SER B 43 -5.39 -9.96 -1.34
CA SER B 43 -5.40 -11.19 -2.13
C SER B 43 -6.58 -11.26 -3.09
N LEU B 44 -6.84 -10.18 -3.83
CA LEU B 44 -8.02 -10.13 -4.68
C LEU B 44 -7.84 -10.75 -6.08
N THR B 45 -6.61 -11.06 -6.48
CA THR B 45 -6.34 -11.46 -7.86
C THR B 45 -5.27 -12.54 -7.98
N ASP B 46 -5.47 -13.46 -8.92
CA ASP B 46 -4.44 -14.44 -9.26
C ASP B 46 -3.49 -13.94 -10.35
N GLU B 47 -3.79 -12.79 -10.96
CA GLU B 47 -2.87 -12.21 -11.94
C GLU B 47 -3.06 -10.71 -12.01
N LEU B 48 -2.01 -9.95 -11.72
CA LEU B 48 -2.09 -8.53 -11.81
C LEU B 48 -1.33 -8.06 -13.03
N ALA B 49 -2.00 -7.28 -13.89
CA ALA B 49 -1.31 -6.63 -15.02
C ALA B 49 -1.24 -5.10 -14.87
N LEU B 50 -0.11 -4.51 -15.21
CA LEU B 50 0.05 -3.06 -15.14
C LEU B 50 0.39 -2.53 -16.53
N VAL B 51 -0.21 -1.39 -16.88
CA VAL B 51 0.06 -0.70 -18.18
C VAL B 51 0.41 0.77 -17.90
N ASP B 52 1.41 1.31 -18.60
CA ASP B 52 1.68 2.75 -18.57
C ASP B 52 2.45 3.11 -19.85
N VAL B 53 2.47 4.38 -20.23
CA VAL B 53 3.33 4.81 -21.35
C VAL B 53 4.79 4.96 -20.92
N LEU B 54 5.03 5.07 -19.62
CA LEU B 54 6.37 5.23 -19.14
C LEU B 54 6.90 3.84 -18.83
N GLU B 55 7.66 3.27 -19.77
CA GLU B 55 8.02 1.85 -19.74
C GLU B 55 9.02 1.48 -18.65
N ASP B 56 9.90 2.41 -18.30
CA ASP B 56 10.92 2.20 -17.27
C ASP B 56 10.26 2.18 -15.86
N LYS B 57 9.51 3.23 -15.54
CA LYS B 57 8.76 3.29 -14.27
C LYS B 57 7.84 2.07 -14.13
N LEU B 58 7.15 1.73 -15.22
CA LEU B 58 6.32 0.55 -15.31
C LEU B 58 7.02 -0.77 -14.92
N LYS B 59 8.20 -0.98 -15.51
CA LYS B 59 8.98 -2.18 -15.22
C LYS B 59 9.48 -2.20 -13.76
N GLY B 60 9.89 -1.03 -13.27
CA GLY B 60 10.39 -0.87 -11.90
C GLY B 60 9.31 -1.17 -10.88
N GLU B 61 8.10 -0.66 -11.13
CA GLU B 61 6.94 -0.96 -10.26
C GLU B 61 6.62 -2.45 -10.28
N MET B 62 6.62 -3.04 -11.47
CA MET B 62 6.39 -4.47 -11.62
C MET B 62 7.41 -5.29 -10.80
N MET B 63 8.68 -4.89 -10.90
CA MET B 63 9.74 -5.61 -10.23
C MET B 63 9.68 -5.51 -8.73
N ASP B 64 9.33 -4.32 -8.23
CA ASP B 64 9.26 -4.04 -6.80
C ASP B 64 8.12 -4.88 -6.16
N LEU B 65 6.94 -4.89 -6.82
CA LEU B 65 5.87 -5.80 -6.41
C LEU B 65 6.27 -7.28 -6.41
N GLN B 66 6.91 -7.71 -7.50
CA GLN B 66 7.33 -9.10 -7.66
C GLN B 66 8.31 -9.50 -6.56
N HIS B 67 9.15 -8.56 -6.15
CA HIS B 67 10.11 -8.83 -5.07
C HIS B 67 9.44 -9.08 -3.74
N GLY B 68 8.19 -8.61 -3.62
CA GLY B 68 7.40 -8.85 -2.41
C GLY B 68 6.46 -10.05 -2.54
N SER B 69 6.59 -10.82 -3.63
CA SER B 69 5.74 -12.00 -3.89
C SER B 69 5.62 -13.01 -2.76
N LEU B 70 6.73 -13.29 -2.08
CA LEU B 70 6.75 -14.14 -0.89
C LEU B 70 5.62 -13.79 0.11
N PHE B 71 5.35 -12.49 0.27
CA PHE B 71 4.38 -12.02 1.27
C PHE B 71 2.96 -11.91 0.70
N LEU B 72 2.76 -12.37 -0.53
CA LEU B 72 1.49 -12.14 -1.22
C LEU B 72 0.89 -13.46 -1.67
N GLN B 73 -0.27 -13.36 -2.30
CA GLN B 73 -0.93 -14.51 -2.91
C GLN B 73 -1.35 -14.26 -4.34
N THR B 74 -0.45 -13.70 -5.14
CA THR B 74 -0.71 -13.43 -6.55
C THR B 74 0.48 -14.00 -7.35
N PRO B 75 0.28 -15.17 -8.00
CA PRO B 75 1.38 -15.93 -8.62
C PRO B 75 1.92 -15.29 -9.89
N LYS B 76 1.20 -14.34 -10.47
CA LYS B 76 1.67 -13.70 -11.69
C LYS B 76 1.44 -12.20 -11.71
N ILE B 77 2.53 -11.44 -11.82
CA ILE B 77 2.48 -9.98 -11.93
C ILE B 77 3.26 -9.59 -13.19
N VAL B 78 2.55 -9.01 -14.15
CA VAL B 78 3.09 -8.60 -15.45
C VAL B 78 2.82 -7.13 -15.74
N ALA B 79 3.58 -6.59 -16.69
CA ALA B 79 3.53 -5.18 -16.98
C ALA B 79 4.08 -4.90 -18.35
N ASP B 80 3.39 -4.03 -19.08
CA ASP B 80 3.79 -3.73 -20.46
C ASP B 80 2.96 -2.57 -20.96
N LYS B 81 3.59 -1.69 -21.72
CA LYS B 81 2.93 -0.60 -22.45
C LYS B 81 1.89 -1.14 -23.44
N ASP B 82 2.12 -2.37 -23.88
CA ASP B 82 1.27 -3.06 -24.85
C ASP B 82 0.13 -3.81 -24.17
N TYR B 83 -1.11 -3.55 -24.61
CA TYR B 83 -2.30 -4.06 -23.92
C TYR B 83 -2.53 -5.55 -24.01
N SER B 84 -1.72 -6.27 -24.78
CA SER B 84 -1.83 -7.73 -24.78
C SER B 84 -1.48 -8.35 -23.41
N VAL B 85 -0.72 -7.64 -22.56
CA VAL B 85 -0.55 -8.12 -21.15
C VAL B 85 -1.87 -8.15 -20.36
N THR B 86 -2.89 -7.45 -20.85
CA THR B 86 -4.14 -7.27 -20.11
C THR B 86 -5.21 -8.30 -20.47
N ALA B 87 -4.90 -9.15 -21.45
CA ALA B 87 -5.85 -10.14 -21.96
C ALA B 87 -6.56 -10.88 -20.84
N ASN B 88 -7.86 -11.08 -20.99
CA ASN B 88 -8.65 -11.93 -20.08
C ASN B 88 -8.81 -11.35 -18.66
N SER B 89 -8.76 -10.02 -18.56
CA SER B 89 -9.08 -9.30 -17.32
C SER B 89 -10.56 -9.35 -16.99
N LYS B 90 -10.86 -9.63 -15.72
CA LYS B 90 -12.24 -9.53 -15.21
C LYS B 90 -12.55 -8.07 -14.97
N ILE B 91 -11.57 -7.36 -14.42
CA ILE B 91 -11.70 -5.96 -14.06
C ILE B 91 -10.46 -5.20 -14.53
N VAL B 92 -10.68 -4.03 -15.12
CA VAL B 92 -9.62 -3.12 -15.52
C VAL B 92 -9.84 -1.78 -14.85
N VAL B 93 -8.87 -1.32 -14.07
CA VAL B 93 -8.99 -0.07 -13.34
C VAL B 93 -8.24 0.99 -14.11
N VAL B 94 -8.91 2.08 -14.49
CA VAL B 94 -8.23 3.15 -15.27
C VAL B 94 -7.92 4.36 -14.40
N THR B 95 -6.62 4.61 -14.20
CA THR B 95 -6.13 5.68 -13.37
C THR B 95 -5.19 6.64 -14.12
N ALA B 96 -5.02 6.42 -15.41
CA ALA B 96 -4.08 7.19 -16.22
C ALA B 96 -4.64 8.55 -16.59
N GLY B 97 -3.73 9.50 -16.70
CA GLY B 97 -4.07 10.81 -17.27
C GLY B 97 -3.53 11.88 -16.35
N VAL B 98 -3.94 13.12 -16.61
CA VAL B 98 -3.52 14.26 -15.78
C VAL B 98 -4.34 14.34 -14.48
N ARG B 99 -3.78 14.98 -13.46
CA ARG B 99 -4.47 15.19 -12.19
C ARG B 99 -4.54 16.68 -11.88
N GLN B 100 -5.19 17.04 -10.77
CA GLN B 100 -5.30 18.45 -10.38
C GLN B 100 -3.98 19.04 -9.90
N GLN B 101 -3.68 20.25 -10.40
CA GLN B 101 -2.70 21.12 -9.75
C GLN B 101 -3.40 21.67 -8.53
N GLU B 102 -2.63 22.34 -7.66
CA GLU B 102 -3.22 22.95 -6.47
C GLU B 102 -4.34 23.92 -6.87
N GLY B 103 -5.51 23.77 -6.23
CA GLY B 103 -6.66 24.64 -6.49
C GLY B 103 -7.43 24.44 -7.79
N GLU B 104 -7.05 23.46 -8.60
CA GLU B 104 -7.70 23.23 -9.91
C GLU B 104 -8.92 22.29 -9.78
N SER B 105 -10.03 22.60 -10.45
CA SER B 105 -11.21 21.72 -10.47
C SER B 105 -10.94 20.53 -11.33
N ARG B 106 -11.52 19.40 -10.94
CA ARG B 106 -11.38 18.17 -11.70
C ARG B 106 -11.96 18.38 -13.11
N LEU B 107 -12.96 19.26 -13.22
CA LEU B 107 -13.63 19.48 -14.51
C LEU B 107 -12.72 20.18 -15.53
N ASN B 108 -11.70 20.87 -15.04
CA ASN B 108 -10.68 21.43 -15.91
C ASN B 108 -9.77 20.37 -16.57
N LEU B 109 -9.81 19.14 -16.07
CA LEU B 109 -8.99 18.04 -16.60
C LEU B 109 -9.62 17.38 -17.83
N VAL B 110 -10.86 17.76 -18.14
CA VAL B 110 -11.71 16.99 -19.05
C VAL B 110 -11.15 16.78 -20.48
N GLN B 111 -10.61 17.83 -21.08
CA GLN B 111 -10.18 17.73 -22.49
C GLN B 111 -8.93 16.86 -22.67
N ARG B 112 -7.94 17.07 -21.83
CA ARG B 112 -6.73 16.25 -21.82
C ARG B 112 -7.09 14.76 -21.63
N ASN B 113 -7.87 14.48 -20.58
CA ASN B 113 -8.13 13.09 -20.23
C ASN B 113 -9.07 12.38 -21.19
N VAL B 114 -10.01 13.13 -21.78
CA VAL B 114 -10.81 12.57 -22.88
C VAL B 114 -9.90 12.12 -24.01
N ASN B 115 -8.89 12.92 -24.35
CA ASN B 115 -8.01 12.63 -25.49
C ASN B 115 -7.20 11.35 -25.25
N VAL B 116 -6.76 11.20 -24.01
CA VAL B 116 -6.07 10.01 -23.54
C VAL B 116 -6.96 8.76 -23.58
N PHE B 117 -8.21 8.92 -23.14
CA PHE B 117 -9.11 7.77 -23.07
C PHE B 117 -9.46 7.26 -24.46
N LYS B 118 -9.42 8.16 -25.46
CA LYS B 118 -9.67 7.79 -26.85
C LYS B 118 -8.73 6.69 -27.31
N PHE B 119 -7.52 6.67 -26.75
CA PHE B 119 -6.57 5.62 -27.11
C PHE B 119 -6.56 4.39 -26.19
N ILE B 120 -6.85 4.61 -24.91
CA ILE B 120 -6.83 3.56 -23.89
C ILE B 120 -8.00 2.59 -24.00
N ILE B 121 -9.21 3.13 -23.99
CA ILE B 121 -10.41 2.31 -23.93
C ILE B 121 -10.56 1.24 -25.03
N PRO B 122 -10.34 1.61 -26.31
CA PRO B 122 -10.43 0.57 -27.35
C PRO B 122 -9.40 -0.54 -27.15
N GLN B 123 -8.20 -0.20 -26.65
CA GLN B 123 -7.20 -1.24 -26.36
C GLN B 123 -7.71 -2.21 -25.27
N ILE B 124 -8.34 -1.64 -24.23
CA ILE B 124 -8.82 -2.44 -23.13
C ILE B 124 -9.83 -3.46 -23.62
N VAL B 125 -10.84 -2.99 -24.34
CA VAL B 125 -11.91 -3.89 -24.77
C VAL B 125 -11.47 -4.89 -25.84
N LYS B 126 -10.45 -4.50 -26.60
CA LYS B 126 -9.87 -5.43 -27.57
C LYS B 126 -9.35 -6.70 -26.88
N TYR B 127 -8.58 -6.54 -25.80
CA TYR B 127 -7.93 -7.71 -25.19
C TYR B 127 -8.78 -8.38 -24.10
N SER B 128 -9.71 -7.63 -23.52
CA SER B 128 -10.63 -8.20 -22.54
C SER B 128 -12.05 -7.76 -22.93
N PRO B 129 -12.64 -8.41 -23.94
CA PRO B 129 -14.00 -8.05 -24.38
C PRO B 129 -15.08 -8.25 -23.30
N ASP B 130 -14.85 -9.17 -22.37
CA ASP B 130 -15.83 -9.46 -21.30
C ASP B 130 -15.56 -8.76 -19.95
N CYS B 131 -14.66 -7.78 -19.92
CA CYS B 131 -14.28 -7.16 -18.64
C CYS B 131 -15.29 -6.15 -18.07
N ILE B 132 -15.11 -5.82 -16.80
CA ILE B 132 -15.76 -4.67 -16.19
C ILE B 132 -14.70 -3.59 -16.12
N ILE B 133 -15.07 -2.35 -16.45
CA ILE B 133 -14.12 -1.23 -16.29
C ILE B 133 -14.49 -0.31 -15.14
N ILE B 134 -13.52 -0.10 -14.24
CA ILE B 134 -13.63 0.90 -13.19
C ILE B 134 -12.85 2.14 -13.58
N VAL B 135 -13.54 3.26 -13.77
CA VAL B 135 -12.86 4.49 -14.10
C VAL B 135 -12.55 5.26 -12.83
N VAL B 136 -11.30 5.74 -12.71
CA VAL B 136 -10.90 6.50 -11.55
C VAL B 136 -10.41 7.89 -11.96
N SER B 137 -9.70 7.98 -13.10
CA SER B 137 -9.19 9.27 -13.59
C SER B 137 -10.27 10.36 -13.60
N ASN B 138 -9.87 11.61 -13.37
CA ASN B 138 -10.77 12.74 -13.23
C ASN B 138 -10.95 13.57 -14.52
N PRO B 139 -12.13 14.19 -14.72
CA PRO B 139 -13.33 14.15 -13.85
C PRO B 139 -14.00 12.79 -14.00
N VAL B 140 -14.10 12.06 -12.89
CA VAL B 140 -14.43 10.64 -12.97
C VAL B 140 -15.82 10.34 -13.58
N ASP B 141 -16.79 11.22 -13.36
CA ASP B 141 -18.16 10.99 -13.83
C ASP B 141 -18.23 11.15 -15.35
N ILE B 142 -17.65 12.23 -15.84
CA ILE B 142 -17.59 12.47 -17.28
C ILE B 142 -16.75 11.39 -17.96
N LEU B 143 -15.59 11.07 -17.37
CA LEU B 143 -14.76 10.03 -17.95
C LEU B 143 -15.40 8.67 -17.98
N THR B 144 -16.33 8.42 -17.05
CA THR B 144 -17.05 7.15 -17.04
C THR B 144 -18.03 7.13 -18.24
N TYR B 145 -18.77 8.23 -18.38
CA TYR B 145 -19.60 8.46 -19.58
C TYR B 145 -18.78 8.23 -20.85
N VAL B 146 -17.66 8.94 -20.97
CA VAL B 146 -16.78 8.80 -22.12
C VAL B 146 -16.40 7.33 -22.34
N THR B 147 -16.03 6.62 -21.25
CA THR B 147 -15.63 5.22 -21.34
C THR B 147 -16.76 4.33 -21.82
N TRP B 148 -17.97 4.60 -21.35
CA TRP B 148 -19.14 3.86 -21.79
C TRP B 148 -19.36 4.00 -23.32
N LYS B 149 -19.26 5.25 -23.80
CA LYS B 149 -19.41 5.55 -25.23
C LYS B 149 -18.33 4.90 -26.08
N LEU B 150 -17.06 5.11 -25.70
CA LEU B 150 -15.94 4.55 -26.43
C LEU B 150 -15.86 3.02 -26.40
N SER B 151 -16.43 2.40 -25.38
CA SER B 151 -16.22 0.97 -25.16
C SER B 151 -17.28 0.12 -25.82
N GLY B 152 -18.47 0.68 -25.95
CA GLY B 152 -19.63 -0.05 -26.46
C GLY B 152 -20.14 -1.14 -25.52
N LEU B 153 -19.62 -1.16 -24.29
CA LEU B 153 -20.07 -2.11 -23.28
C LEU B 153 -21.41 -1.69 -22.69
N PRO B 154 -22.19 -2.67 -22.18
CA PRO B 154 -23.42 -2.40 -21.44
C PRO B 154 -23.08 -1.55 -20.21
N LYS B 155 -24.05 -0.77 -19.74
CA LYS B 155 -23.73 0.20 -18.70
C LYS B 155 -23.43 -0.43 -17.33
N HIS B 156 -23.85 -1.68 -17.13
CA HIS B 156 -23.55 -2.40 -15.89
C HIS B 156 -22.08 -2.83 -15.78
N ARG B 157 -21.32 -2.65 -16.86
CA ARG B 157 -19.91 -3.00 -16.92
C ARG B 157 -18.95 -1.81 -16.98
N VAL B 158 -19.48 -0.60 -16.80
CA VAL B 158 -18.66 0.58 -16.79
C VAL B 158 -19.04 1.42 -15.57
N ILE B 159 -18.13 1.49 -14.61
CA ILE B 159 -18.39 2.06 -13.29
C ILE B 159 -17.40 3.15 -12.94
N GLY B 160 -17.88 4.29 -12.47
CA GLY B 160 -17.00 5.34 -11.95
C GLY B 160 -16.79 5.09 -10.47
N SER B 161 -15.56 5.17 -9.98
CA SER B 161 -15.30 5.01 -8.53
C SER B 161 -16.11 6.06 -7.77
N GLY B 162 -16.37 7.18 -8.44
CA GLY B 162 -17.38 8.16 -8.02
C GLY B 162 -17.28 8.57 -6.56
N CYS B 163 -18.41 8.47 -5.86
CA CYS B 163 -18.53 8.99 -4.50
C CYS B 163 -18.28 7.99 -3.39
N ASN B 164 -17.76 6.80 -3.72
CA ASN B 164 -17.39 5.84 -2.69
C ASN B 164 -16.39 6.47 -1.73
N LEU B 165 -15.42 7.21 -2.27
CA LEU B 165 -14.44 7.93 -1.48
C LEU B 165 -15.03 9.14 -0.70
N ASP B 166 -15.92 9.91 -1.34
CA ASP B 166 -16.54 11.06 -0.67
C ASP B 166 -17.34 10.59 0.55
N SER B 167 -18.09 9.52 0.35
CA SER B 167 -18.89 8.94 1.44
C SER B 167 -17.99 8.38 2.54
N ALA B 168 -16.85 7.79 2.16
CA ALA B 168 -15.88 7.32 3.18
C ALA B 168 -15.35 8.46 4.03
N ARG B 169 -15.02 9.58 3.38
CA ARG B 169 -14.55 10.76 4.05
C ARG B 169 -15.65 11.33 4.96
N PHE B 170 -16.88 11.35 4.46
CA PHE B 170 -18.00 11.83 5.27
C PHE B 170 -18.18 11.00 6.56
N ARG B 171 -18.15 9.68 6.40
CA ARG B 171 -18.33 8.79 7.54
C ARG B 171 -17.16 8.91 8.50
N TYR B 172 -15.98 9.18 7.96
CA TYR B 172 -14.84 9.50 8.81
C TYR B 172 -15.08 10.76 9.64
N LEU B 173 -15.59 11.81 9.01
CA LEU B 173 -15.85 13.06 9.73
C LEU B 173 -16.97 12.92 10.76
N MET B 174 -18.04 12.20 10.40
CA MET B 174 -19.06 11.79 11.37
C MET B 174 -18.46 11.08 12.59
N ALA B 175 -17.65 10.05 12.34
CA ALA B 175 -17.07 9.25 13.42
C ALA B 175 -16.21 10.08 14.34
N GLU B 176 -15.51 11.03 13.76
CA GLU B 176 -14.67 11.96 14.47
C GLU B 176 -15.49 12.81 15.46
N LYS B 177 -16.65 13.27 15.00
CA LYS B 177 -17.61 13.99 15.85
C LYS B 177 -18.08 13.14 17.03
N LEU B 178 -18.39 11.86 16.77
CA LEU B 178 -19.06 10.99 17.76
C LEU B 178 -18.20 10.01 18.55
N GLY B 179 -16.94 9.87 18.19
CA GLY B 179 -16.08 8.93 18.93
C GLY B 179 -16.33 7.45 18.63
N VAL B 180 -16.89 7.14 17.46
CA VAL B 180 -17.08 5.73 17.06
C VAL B 180 -16.36 5.43 15.73
N HIS B 181 -16.33 4.15 15.36
CA HIS B 181 -15.73 3.75 14.09
C HIS B 181 -16.59 4.23 12.92
N PRO B 182 -15.96 4.69 11.83
CA PRO B 182 -16.70 5.12 10.64
C PRO B 182 -17.66 4.06 10.09
N SER B 183 -17.40 2.78 10.32
CA SER B 183 -18.31 1.73 9.78
C SER B 183 -19.64 1.67 10.54
N SER B 184 -19.65 2.21 11.75
CA SER B 184 -20.88 2.35 12.54
C SER B 184 -21.66 3.65 12.26
N CYS B 185 -21.08 4.55 11.45
CA CYS B 185 -21.78 5.78 11.02
C CYS B 185 -22.27 5.58 9.62
N HIS B 186 -23.39 6.20 9.29
CA HIS B 186 -23.96 5.99 7.97
C HIS B 186 -24.43 7.28 7.39
N GLY B 187 -24.09 7.49 6.13
CA GLY B 187 -24.45 8.72 5.42
C GLY B 187 -23.92 8.64 4.00
N TRP B 188 -24.68 9.22 3.07
CA TRP B 188 -24.39 9.07 1.67
C TRP B 188 -24.12 10.40 0.99
N ILE B 189 -22.94 10.51 0.36
CA ILE B 189 -22.63 11.63 -0.51
C ILE B 189 -22.85 11.15 -1.92
N LEU B 190 -23.72 11.85 -2.66
CA LEU B 190 -24.11 11.43 -4.00
C LEU B 190 -23.86 12.51 -5.04
N GLY B 191 -24.15 12.19 -6.30
CA GLY B 191 -23.95 13.14 -7.40
C GLY B 191 -22.52 13.14 -7.89
N GLU B 192 -22.01 14.34 -8.17
CA GLU B 192 -20.65 14.50 -8.70
C GLU B 192 -19.59 14.22 -7.65
N HIS B 193 -18.59 13.44 -8.03
CA HIS B 193 -17.36 13.36 -7.24
C HIS B 193 -16.60 14.67 -7.50
N GLY B 194 -16.89 15.69 -6.71
CA GLY B 194 -16.46 17.05 -6.99
C GLY B 194 -17.21 18.08 -6.17
N ASP B 195 -17.21 19.31 -6.66
CA ASP B 195 -17.71 20.45 -5.89
C ASP B 195 -19.22 20.45 -5.71
N SER B 196 -19.93 19.79 -6.62
CA SER B 196 -21.38 19.83 -6.58
C SER B 196 -22.02 18.59 -5.92
N SER B 197 -21.26 17.85 -5.12
CA SER B 197 -21.79 16.62 -4.51
C SER B 197 -22.94 16.97 -3.56
N VAL B 198 -23.84 16.01 -3.36
CA VAL B 198 -25.00 16.17 -2.48
C VAL B 198 -24.95 15.29 -1.22
N ALA B 199 -24.99 15.93 -0.06
CA ALA B 199 -25.09 15.20 1.18
C ALA B 199 -26.57 14.82 1.43
N VAL B 200 -26.87 13.53 1.43
CA VAL B 200 -28.25 13.07 1.66
C VAL B 200 -28.58 13.03 3.17
N TRP B 201 -28.99 14.19 3.71
CA TRP B 201 -29.19 14.32 5.15
C TRP B 201 -30.25 13.37 5.66
N SER B 202 -31.24 13.06 4.82
CA SER B 202 -32.35 12.19 5.25
C SER B 202 -31.90 10.77 5.57
N GLY B 203 -30.74 10.39 5.07
CA GLY B 203 -30.21 9.05 5.27
C GLY B 203 -29.17 8.94 6.36
N VAL B 204 -28.69 10.08 6.87
CA VAL B 204 -27.61 10.08 7.85
C VAL B 204 -28.10 9.53 9.19
N ASN B 205 -27.50 8.44 9.65
CA ASN B 205 -27.91 7.76 10.89
C ASN B 205 -26.76 7.06 11.61
N VAL B 206 -26.97 6.79 12.90
CA VAL B 206 -26.06 5.96 13.71
C VAL B 206 -26.98 4.93 14.35
N ALA B 207 -26.68 3.64 14.15
CA ALA B 207 -27.55 2.56 14.63
C ALA B 207 -29.04 2.72 14.28
N GLY B 208 -29.30 3.20 13.07
CA GLY B 208 -30.67 3.46 12.64
C GLY B 208 -31.32 4.69 13.30
N VAL B 209 -30.60 5.46 14.10
CA VAL B 209 -31.22 6.71 14.56
C VAL B 209 -30.95 7.85 13.58
N SER B 210 -32.04 8.35 13.03
CA SER B 210 -31.98 9.36 11.99
C SER B 210 -31.54 10.69 12.62
N LEU B 211 -30.39 11.20 12.20
CA LEU B 211 -29.87 12.45 12.76
C LEU B 211 -30.68 13.69 12.33
N GLN B 212 -31.33 13.62 11.16
CA GLN B 212 -32.17 14.72 10.69
C GLN B 212 -33.50 14.78 11.45
N GLU B 213 -34.12 13.62 11.68
CA GLU B 213 -35.26 13.53 12.59
C GLU B 213 -34.92 14.13 13.97
N LEU B 214 -33.77 13.78 14.51
CA LEU B 214 -33.28 14.35 15.77
C LEU B 214 -32.98 15.85 15.65
N ASN B 215 -32.50 16.30 14.49
CA ASN B 215 -32.16 17.70 14.27
C ASN B 215 -32.65 18.15 12.89
N PRO B 216 -33.88 18.72 12.85
CA PRO B 216 -34.53 19.05 11.58
C PRO B 216 -33.80 20.12 10.78
N GLU B 217 -32.92 20.88 11.43
CA GLU B 217 -32.12 21.91 10.76
C GLU B 217 -30.80 21.38 10.18
N MET B 218 -30.59 20.06 10.26
CA MET B 218 -29.39 19.41 9.72
C MET B 218 -29.05 19.88 8.32
N GLY B 219 -27.87 20.48 8.18
CA GLY B 219 -27.40 20.93 6.87
C GLY B 219 -28.05 22.19 6.34
N THR B 220 -28.67 22.98 7.22
CA THR B 220 -29.13 24.33 6.90
C THR B 220 -28.16 25.33 7.52
N ASP B 221 -28.49 26.62 7.36
CA ASP B 221 -27.62 27.70 7.83
C ASP B 221 -27.79 28.04 9.31
N ASN B 222 -28.98 27.82 9.85
CA ASN B 222 -29.14 27.87 11.30
C ASN B 222 -29.31 26.46 11.89
N ASP B 223 -28.16 25.79 12.03
CA ASP B 223 -28.00 24.41 12.46
C ASP B 223 -26.84 24.47 13.45
N SER B 224 -27.12 24.16 14.73
CA SER B 224 -26.10 24.29 15.78
C SER B 224 -24.95 23.28 15.68
N GLU B 225 -25.17 22.16 15.01
CA GLU B 225 -24.11 21.18 14.79
C GLU B 225 -23.22 21.45 13.57
N ASN B 226 -23.60 22.45 12.76
CA ASN B 226 -22.86 22.80 11.54
C ASN B 226 -22.57 21.58 10.66
N TRP B 227 -23.62 20.90 10.23
CA TRP B 227 -23.46 19.78 9.30
C TRP B 227 -23.07 20.24 7.91
N LYS B 228 -23.51 21.45 7.55
CA LYS B 228 -23.14 22.08 6.29
C LYS B 228 -21.61 22.13 6.23
N GLU B 229 -20.98 22.33 7.38
CA GLU B 229 -19.53 22.43 7.46
C GLU B 229 -18.81 21.09 7.22
N VAL B 230 -19.42 20.00 7.69
CA VAL B 230 -18.89 18.65 7.46
C VAL B 230 -18.93 18.31 5.95
N HIS B 231 -20.05 18.60 5.29
CA HIS B 231 -20.16 18.47 3.84
C HIS B 231 -19.09 19.30 3.14
N LYS B 232 -18.89 20.53 3.60
CA LYS B 232 -17.87 21.41 3.07
C LYS B 232 -16.46 20.81 3.23
N MET B 233 -16.16 20.28 4.41
CA MET B 233 -14.88 19.58 4.58
C MET B 233 -14.73 18.39 3.60
N VAL B 234 -15.82 17.66 3.35
CA VAL B 234 -15.80 16.62 2.33
C VAL B 234 -15.45 17.18 0.92
N VAL B 235 -16.14 18.25 0.53
CA VAL B 235 -15.91 18.90 -0.76
C VAL B 235 -14.46 19.37 -0.88
N GLU B 236 -13.96 20.03 0.16
CA GLU B 236 -12.61 20.61 0.15
C GLU B 236 -11.49 19.60 0.41
N SER B 237 -11.87 18.37 0.77
CA SER B 237 -10.90 17.30 1.09
C SER B 237 -9.72 17.21 0.15
N ALA B 238 -10.01 16.96 -1.12
CA ALA B 238 -8.96 16.75 -2.11
C ALA B 238 -8.04 17.95 -2.17
N TYR B 239 -8.61 19.15 -2.18
CA TYR B 239 -7.81 20.38 -2.32
C TYR B 239 -6.83 20.54 -1.16
N GLU B 240 -7.29 20.25 0.06
CA GLU B 240 -6.44 20.38 1.24
C GLU B 240 -5.25 19.38 1.22
N VAL B 241 -5.54 18.12 0.89
CA VAL B 241 -4.53 17.07 0.81
C VAL B 241 -3.55 17.34 -0.34
N ILE B 242 -4.08 17.72 -1.50
CA ILE B 242 -3.25 18.12 -2.64
C ILE B 242 -2.32 19.27 -2.28
N LYS B 243 -2.85 20.29 -1.62
CA LYS B 243 -2.03 21.37 -1.09
C LYS B 243 -0.89 20.84 -0.22
N LEU B 244 -1.19 19.85 0.61
CA LEU B 244 -0.21 19.39 1.61
C LEU B 244 0.83 18.40 1.08
N LYS B 245 0.41 17.42 0.27
CA LYS B 245 1.33 16.39 -0.24
C LYS B 245 1.39 16.31 -1.78
N GLY B 246 0.59 17.12 -2.48
CA GLY B 246 0.66 17.20 -3.97
C GLY B 246 -0.34 16.38 -4.76
N TYR B 247 -0.98 15.41 -4.10
CA TYR B 247 -1.94 14.47 -4.71
C TYR B 247 -2.65 13.74 -3.56
N THR B 248 -3.65 12.93 -3.87
CA THR B 248 -4.19 11.97 -2.93
C THR B 248 -4.05 10.58 -3.53
N ASN B 249 -3.85 9.56 -2.69
CA ASN B 249 -3.77 8.19 -3.24
C ASN B 249 -4.22 7.04 -2.34
N TRP B 250 -3.91 7.12 -1.04
CA TRP B 250 -4.15 5.99 -0.14
C TRP B 250 -5.65 5.70 0.01
N ALA B 251 -6.45 6.75 0.23
CA ALA B 251 -7.90 6.56 0.45
C ALA B 251 -8.56 6.05 -0.80
N ILE B 252 -8.23 6.63 -1.95
CA ILE B 252 -8.78 6.10 -3.21
C ILE B 252 -8.34 4.65 -3.49
N GLY B 253 -7.10 4.30 -3.15
CA GLY B 253 -6.67 2.93 -3.37
C GLY B 253 -7.50 1.92 -2.59
N LEU B 254 -7.74 2.25 -1.32
CA LEU B 254 -8.57 1.43 -0.43
C LEU B 254 -10.01 1.42 -0.90
N SER B 255 -10.48 2.56 -1.40
CA SER B 255 -11.86 2.67 -1.91
C SER B 255 -12.06 1.72 -3.11
N VAL B 256 -11.10 1.75 -4.01
CA VAL B 256 -11.17 0.91 -5.22
C VAL B 256 -11.06 -0.57 -4.88
N ALA B 257 -10.16 -0.94 -3.97
CA ALA B 257 -10.02 -2.36 -3.54
C ALA B 257 -11.35 -2.83 -2.92
N ASP B 258 -12.00 -1.92 -2.20
CA ASP B 258 -13.35 -2.17 -1.60
C ASP B 258 -14.38 -2.52 -2.68
N LEU B 259 -14.42 -1.73 -3.76
CA LEU B 259 -15.35 -2.00 -4.85
C LEU B 259 -15.00 -3.28 -5.56
N ILE B 260 -13.70 -3.48 -5.84
CA ILE B 260 -13.24 -4.73 -6.44
C ILE B 260 -13.63 -5.95 -5.58
N GLU B 261 -13.49 -5.83 -4.27
CA GLU B 261 -13.88 -6.93 -3.36
C GLU B 261 -15.34 -7.33 -3.55
N SER B 262 -16.25 -6.35 -3.52
CA SER B 262 -17.67 -6.64 -3.71
C SER B 262 -17.92 -7.39 -5.00
N MET B 263 -17.26 -6.96 -6.08
CA MET B 263 -17.50 -7.55 -7.39
C MET B 263 -16.89 -8.93 -7.52
N LEU B 264 -15.60 -9.10 -7.19
CA LEU B 264 -14.94 -10.39 -7.39
C LEU B 264 -15.44 -11.46 -6.43
N LYS B 265 -15.87 -11.06 -5.23
CA LYS B 265 -16.48 -12.00 -4.28
C LYS B 265 -18.01 -12.15 -4.49
N ASN B 266 -18.54 -11.42 -5.48
CA ASN B 266 -19.96 -11.50 -5.88
C ASN B 266 -20.92 -11.21 -4.73
N LEU B 267 -20.65 -10.15 -4.00
CA LEU B 267 -21.30 -9.94 -2.71
C LEU B 267 -22.65 -9.20 -2.79
N SER B 268 -22.84 -8.38 -3.84
CA SER B 268 -24.01 -7.49 -3.92
C SER B 268 -24.07 -6.53 -2.72
N ARG B 269 -22.94 -5.91 -2.38
CA ARG B 269 -22.94 -4.80 -1.42
C ARG B 269 -23.28 -3.51 -2.15
N ILE B 270 -23.72 -2.51 -1.38
CA ILE B 270 -24.17 -1.27 -1.98
C ILE B 270 -23.13 -0.19 -1.79
N HIS B 271 -22.79 0.51 -2.87
CA HIS B 271 -21.76 1.51 -2.87
C HIS B 271 -22.25 2.72 -3.66
N PRO B 272 -21.84 3.93 -3.26
CA PRO B 272 -22.18 5.08 -4.07
C PRO B 272 -21.15 5.27 -5.19
N VAL B 273 -21.46 4.74 -6.36
CA VAL B 273 -20.56 4.77 -7.49
C VAL B 273 -21.29 5.37 -8.69
N SER B 274 -20.53 5.87 -9.67
CA SER B 274 -21.07 6.62 -10.78
C SER B 274 -21.70 5.69 -11.82
N THR B 275 -22.97 5.93 -12.11
CA THR B 275 -23.67 5.16 -13.12
C THR B 275 -24.55 6.06 -14.02
N MET B 276 -25.11 5.48 -15.08
CA MET B 276 -25.88 6.26 -16.05
C MET B 276 -27.26 6.52 -15.43
N VAL B 277 -27.54 7.77 -15.05
CA VAL B 277 -28.74 8.08 -14.24
C VAL B 277 -29.93 8.70 -15.02
N GLN B 278 -29.93 8.53 -16.34
CA GLN B 278 -30.99 9.07 -17.18
C GLN B 278 -32.31 8.46 -16.79
N GLY B 279 -33.29 9.33 -16.50
CA GLY B 279 -34.64 8.91 -16.15
C GLY B 279 -34.86 8.84 -14.65
N MET B 280 -33.96 9.42 -13.87
CA MET B 280 -34.11 9.38 -12.43
C MET B 280 -34.05 10.78 -11.92
N TYR B 281 -34.87 11.04 -10.90
CA TYR B 281 -34.91 12.36 -10.26
C TYR B 281 -35.05 13.51 -11.27
N GLY B 282 -35.72 13.21 -12.40
CA GLY B 282 -36.03 14.19 -13.45
C GLY B 282 -34.87 14.57 -14.35
N ILE B 283 -33.91 13.65 -14.48
CA ILE B 283 -32.74 13.82 -15.35
C ILE B 283 -33.04 13.12 -16.67
N GLU B 284 -32.91 13.86 -17.76
CA GLU B 284 -33.32 13.37 -19.08
C GLU B 284 -32.13 13.02 -19.96
N ASN B 285 -31.00 13.67 -19.70
CA ASN B 285 -29.77 13.45 -20.45
C ASN B 285 -28.96 12.23 -19.97
N GLU B 286 -28.03 11.77 -20.79
CA GLU B 286 -27.20 10.59 -20.49
C GLU B 286 -26.04 10.92 -19.54
N VAL B 287 -26.41 11.32 -18.32
CA VAL B 287 -25.49 11.78 -17.28
C VAL B 287 -25.00 10.61 -16.42
N PHE B 288 -23.73 10.62 -16.05
CA PHE B 288 -23.24 9.68 -15.03
C PHE B 288 -23.00 10.44 -13.74
N LEU B 289 -23.58 9.92 -12.65
CA LEU B 289 -23.43 10.47 -11.30
C LEU B 289 -23.49 9.33 -10.30
N SER B 290 -23.02 9.56 -9.08
CA SER B 290 -23.09 8.51 -8.05
C SER B 290 -24.47 8.44 -7.40
N LEU B 291 -25.04 7.24 -7.41
CA LEU B 291 -26.17 6.83 -6.57
C LEU B 291 -25.74 5.53 -5.89
N PRO B 292 -26.52 5.05 -4.89
CA PRO B 292 -26.19 3.77 -4.28
C PRO B 292 -26.45 2.66 -5.27
N CYS B 293 -25.42 1.87 -5.58
CA CYS B 293 -25.58 0.76 -6.52
C CYS B 293 -25.14 -0.56 -5.96
N VAL B 294 -25.77 -1.62 -6.46
CA VAL B 294 -25.49 -2.97 -6.00
C VAL B 294 -24.39 -3.49 -6.90
N LEU B 295 -23.25 -3.86 -6.29
CA LEU B 295 -22.10 -4.41 -7.05
C LEU B 295 -21.87 -5.90 -6.76
N ASN B 296 -21.60 -6.65 -7.83
CA ASN B 296 -21.34 -8.09 -7.73
C ASN B 296 -20.52 -8.53 -8.95
N ALA B 297 -20.47 -9.83 -9.21
CA ALA B 297 -19.59 -10.38 -10.26
C ALA B 297 -19.96 -9.91 -11.67
N ARG B 298 -21.24 -9.62 -11.88
CA ARG B 298 -21.71 -9.08 -13.16
C ARG B 298 -21.37 -7.62 -13.34
N GLY B 299 -21.08 -6.93 -12.24
CA GLY B 299 -20.75 -5.52 -12.30
C GLY B 299 -21.75 -4.72 -11.48
N LEU B 300 -22.42 -3.79 -12.13
CA LEU B 300 -23.34 -2.92 -11.43
C LEU B 300 -24.76 -3.21 -11.92
N THR B 301 -25.47 -4.05 -11.17
CA THR B 301 -26.71 -4.65 -11.63
C THR B 301 -28.00 -3.91 -11.24
N SER B 302 -27.93 -3.07 -10.21
CA SER B 302 -29.11 -2.35 -9.71
C SER B 302 -28.72 -1.03 -9.09
N VAL B 303 -29.70 -0.14 -9.02
CA VAL B 303 -29.62 1.13 -8.31
C VAL B 303 -30.72 1.17 -7.26
N ILE B 304 -30.45 1.79 -6.11
CA ILE B 304 -31.42 1.93 -5.04
C ILE B 304 -32.24 3.22 -5.24
N ASN B 305 -33.54 3.08 -5.53
CA ASN B 305 -34.48 4.22 -5.50
C ASN B 305 -34.57 4.75 -4.09
N GLN B 306 -34.32 6.04 -3.94
CA GLN B 306 -34.46 6.67 -2.64
C GLN B 306 -35.64 7.66 -2.63
N LYS B 307 -36.13 7.95 -1.43
CA LYS B 307 -37.11 9.00 -1.25
C LYS B 307 -36.36 10.26 -0.82
N LEU B 308 -35.82 10.97 -1.80
CA LEU B 308 -35.04 12.18 -1.53
C LEU B 308 -35.93 13.38 -1.32
N LYS B 309 -35.65 14.13 -0.26
CA LYS B 309 -36.25 15.44 -0.03
C LYS B 309 -36.13 16.29 -1.29
N ASP B 310 -36.95 17.34 -1.38
CA ASP B 310 -37.11 18.10 -2.62
C ASP B 310 -35.86 18.88 -3.04
N ASP B 311 -35.16 19.49 -2.09
CA ASP B 311 -33.94 20.19 -2.47
C ASP B 311 -32.73 19.23 -2.56
N GLU B 312 -32.82 18.08 -1.89
CA GLU B 312 -31.90 16.95 -2.14
C GLU B 312 -32.00 16.55 -3.62
N VAL B 313 -33.24 16.52 -4.15
CA VAL B 313 -33.45 16.25 -5.57
C VAL B 313 -32.96 17.42 -6.43
N ALA B 314 -33.09 18.63 -5.88
CA ALA B 314 -32.69 19.84 -6.59
C ALA B 314 -31.17 19.92 -6.73
N GLN B 315 -30.46 19.80 -5.58
CA GLN B 315 -28.98 19.71 -5.55
C GLN B 315 -28.47 18.66 -6.54
N LEU B 316 -29.16 17.52 -6.58
CA LEU B 316 -28.80 16.43 -7.49
C LEU B 316 -29.03 16.79 -8.96
N LYS B 317 -30.17 17.41 -9.26
CA LYS B 317 -30.45 17.93 -10.61
C LYS B 317 -29.43 18.99 -10.98
N ASN B 318 -29.10 19.83 -10.01
CA ASN B 318 -28.08 20.86 -10.17
C ASN B 318 -26.69 20.23 -10.46
N SER B 319 -26.37 19.17 -9.72
CA SER B 319 -25.12 18.43 -9.93
C SER B 319 -25.12 17.81 -11.32
N ALA B 320 -26.27 17.25 -11.71
CA ALA B 320 -26.45 16.62 -13.02
C ALA B 320 -26.40 17.59 -14.18
N ASP B 321 -26.90 18.82 -13.92
CA ASP B 321 -26.85 19.94 -14.86
C ASP B 321 -25.41 20.37 -15.17
N THR B 322 -24.65 20.60 -14.09
CA THR B 322 -23.22 20.90 -14.15
C THR B 322 -22.49 19.92 -15.08
N LEU B 323 -22.75 18.62 -14.92
CA LEU B 323 -22.03 17.57 -15.67
C LEU B 323 -22.49 17.44 -17.11
N TRP B 324 -23.80 17.56 -17.35
CA TRP B 324 -24.28 17.55 -18.74
C TRP B 324 -23.79 18.79 -19.50
N GLY B 325 -23.56 19.88 -18.76
CA GLY B 325 -22.97 21.10 -19.32
C GLY B 325 -21.67 20.80 -20.07
N ILE B 326 -20.77 20.06 -19.41
CA ILE B 326 -19.50 19.66 -20.03
C ILE B 326 -19.72 18.56 -21.10
N GLN B 327 -20.48 17.52 -20.72
CA GLN B 327 -20.69 16.31 -21.57
C GLN B 327 -21.17 16.61 -22.98
N LYS B 328 -22.14 17.52 -23.09
CA LYS B 328 -22.81 17.81 -24.36
C LYS B 328 -21.88 18.26 -25.48
N ASP B 329 -20.80 18.96 -25.13
CA ASP B 329 -19.84 19.55 -26.08
C ASP B 329 -18.79 18.60 -26.72
N LEU B 330 -18.72 17.34 -26.26
CA LEU B 330 -17.64 16.43 -26.68
C LEU B 330 -17.78 15.85 -28.10
N LYS B 331 -16.65 15.70 -28.81
CA LYS B 331 -16.65 15.21 -30.20
C LYS B 331 -16.31 13.71 -30.32
N ASP B 332 -17.35 12.89 -30.47
CA ASP B 332 -17.28 11.44 -30.76
C ASP B 332 -18.63 10.74 -30.65
PA NAD C . 12.40 9.52 0.74
O1A NAD C . 13.30 10.64 0.41
O2A NAD C . 11.21 9.25 -0.07
O5B NAD C . 11.91 9.75 2.20
C5B NAD C . 12.77 10.06 3.25
C4B NAD C . 11.96 10.80 4.31
O4B NAD C . 12.79 11.02 5.46
C3B NAD C . 11.62 12.20 3.75
O3B NAD C . 10.21 12.43 3.90
C2B NAD C . 12.45 13.13 4.67
O2B NAD C . 11.80 14.39 4.91
C1B NAD C . 12.47 12.30 5.94
N9A NAD C . 13.51 12.78 6.85
C8A NAD C . 14.83 13.27 6.41
N7A NAD C . 15.43 13.68 7.69
C5A NAD C . 14.57 13.45 8.67
C6A NAD C . 14.68 13.63 10.05
N6A NAD C . 15.77 14.18 10.56
N1A NAD C . 13.63 13.31 10.91
C2A NAD C . 12.35 12.73 10.43
N3A NAD C . 12.33 12.56 8.99
C4A NAD C . 13.40 12.90 8.16
O3 NAD C . 13.35 8.21 0.92
PN NAD C . 12.77 6.72 0.85
O1N NAD C . 12.69 6.32 -0.55
O2N NAD C . 11.56 6.62 1.74
O5D NAD C . 13.99 5.95 1.58
C5D NAD C . 14.09 6.03 3.00
C4D NAD C . 15.34 5.25 3.55
O4D NAD C . 15.03 3.84 3.42
C3D NAD C . 16.63 5.48 2.73
O3D NAD C . 17.73 5.49 3.63
C2D NAD C . 16.65 4.25 1.83
O2D NAD C . 17.95 3.91 1.36
C1D NAD C . 16.18 3.21 2.84
N1N NAD C . 15.73 1.94 2.25
C2N NAD C . 16.06 0.78 2.95
C3N NAD C . 15.65 -0.45 2.44
C7N NAD C . 16.03 -1.68 3.21
O7N NAD C . 15.87 -2.88 2.67
N7N NAD C . 16.60 -1.50 4.41
C4N NAD C . 14.90 -0.53 1.26
C5N NAD C . 14.56 0.64 0.58
C6N NAD C . 14.97 1.87 1.06
C1 OXM D . 17.38 -0.82 -0.83
N1 OXM D . 17.12 0.32 -1.48
O1 OXM D . 18.04 -0.93 0.25
C2 OXM D . 16.84 -2.04 -1.45
O2 OXM D . 15.89 -1.98 -2.28
O3 OXM D . 17.39 -3.12 -1.14
PA NAD E . 0.16 10.46 -11.59
O1A NAD E . 0.65 11.55 -12.43
O2A NAD E . 0.96 10.07 -10.39
O5B NAD E . -0.07 9.14 -12.45
C5B NAD E . -0.63 9.14 -13.77
C4B NAD E . 0.03 8.02 -14.62
O4B NAD E . -0.67 7.93 -15.86
C3B NAD E . 1.49 8.33 -15.00
O3B NAD E . 2.28 7.19 -14.60
C2B NAD E . 1.42 8.50 -16.54
O2B NAD E . 2.57 7.96 -17.20
C1B NAD E . 0.26 7.58 -16.85
N9A NAD E . -0.27 7.93 -18.18
C8A NAD E . -0.41 9.32 -18.65
N7A NAD E . -0.98 9.14 -19.98
C5A NAD E . -1.10 7.84 -20.22
C6A NAD E . -1.55 7.16 -21.36
N6A NAD E . -1.94 7.84 -22.43
N1A NAD E . -1.59 5.77 -21.40
C2A NAD E . -1.18 4.92 -20.25
N3A NAD E . -0.72 5.70 -19.11
C4A NAD E . -0.69 7.10 -19.11
O3 NAD E . -1.36 10.81 -11.28
PN NAD E . -2.19 10.20 -10.00
O1N NAD E . -1.86 11.01 -8.80
O2N NAD E . -2.00 8.72 -9.99
O5D NAD E . -3.67 10.51 -10.51
C5D NAD E . -4.23 9.71 -11.55
C4D NAD E . -5.63 10.16 -11.91
O4D NAD E . -6.54 9.75 -10.85
C3D NAD E . -5.80 11.69 -12.04
O3D NAD E . -6.75 11.93 -13.11
C2D NAD E . -6.39 12.05 -10.69
O2D NAD E . -7.14 13.27 -10.73
C1D NAD E . -7.36 10.91 -10.50
N1N NAD E . -7.83 10.71 -9.10
C2N NAD E . -9.16 10.31 -8.92
C3N NAD E . -9.67 10.08 -7.65
C7N NAD E . -11.10 9.66 -7.50
O7N NAD E . -11.58 9.60 -6.25
N7N NAD E . -11.83 9.35 -8.59
C4N NAD E . -8.85 10.23 -6.52
C5N NAD E . -7.51 10.62 -6.68
C6N NAD E . -7.00 10.86 -7.96
C1 OXM F . -9.50 13.46 -6.01
N1 OXM F . -8.24 13.75 -6.28
O1 OXM F . -10.39 13.35 -6.89
C2 OXM F . -9.86 13.25 -4.56
O2 OXM F . -11.08 13.22 -4.26
O3 OXM F . -8.96 13.10 -3.67
#